data_6DCV
#
_entry.id   6DCV
#
_cell.length_a   93.411
_cell.length_b   60.578
_cell.length_c   169.472
_cell.angle_alpha   90.00
_cell.angle_beta   103.52
_cell.angle_gamma   90.00
#
_symmetry.space_group_name_H-M   'C 1 2 1'
#
loop_
_entity.id
_entity.type
_entity.pdbx_description
1 polymer 'Light chain of CBTAU27.1 Fab'
2 polymer 'heavy chain of CBTAU-27.1 Fab'
3 non-polymer GLYCEROL
4 water water
#
loop_
_entity_poly.entity_id
_entity_poly.type
_entity_poly.pdbx_seq_one_letter_code
_entity_poly.pdbx_strand_id
1 'polypeptide(L)'
;DIQLTQSPDSLAVSLGERATINCKSSQSVFSRDNNKNYLAWYQHKSGQPPKLLFFWASSRESGVSDRFSGSGSGTDFTLT
IDNLQAEDVALYYCQHYFNTPHNFGQGTKLEIKRTVAAPSVFIFPPSDEQLKSGTASVVCLLNNFYPREAKVQWKVDNAL
QSGNSQESVTEQDSKDSTYSLSSTLTLSKADYEKHKVYACEVTHQGLSSPVTKSFNRGEC
;
L,A
2 'polypeptide(L)'
;QVQLVESGPEMRKPGESLKISCKTSGYIFSDYWTAWVRQLPGKGLQWMGIIYSGDSDTRYHPSVQGHVTMSTDSSLTTAY
LQWSSLKASDTGIYYCARLDARVDAGWQLDSWGQGTLVTVSSASTKGPSVFPLAPSSKSTSGGTAALGCLVKDYFPEPVT
VSWNSGALTSGVHTFPAVLQSSGLYSLSSVVTVPSSSLGTQTYICNVNHKPSNTKVDKRVEPKSCHHHHHH
;
H,B
#
loop_
_chem_comp.id
_chem_comp.type
_chem_comp.name
_chem_comp.formula
GOL non-polymer GLYCEROL 'C3 H8 O3'
#
# COMPACT_ATOMS: atom_id res chain seq x y z
N ASP A 1 -14.78 23.08 -15.11
CA ASP A 1 -15.67 22.45 -14.15
C ASP A 1 -16.58 21.46 -14.88
N ILE A 2 -16.50 20.19 -14.51
CA ILE A 2 -17.27 19.14 -15.14
C ILE A 2 -18.40 18.71 -14.21
N GLN A 3 -19.61 18.64 -14.76
CA GLN A 3 -20.80 18.28 -14.00
C GLN A 3 -21.34 16.93 -14.47
N LEU A 4 -21.94 16.19 -13.54
CA LEU A 4 -22.54 14.89 -13.87
C LEU A 4 -24.05 14.97 -13.71
N THR A 5 -24.77 14.29 -14.60
CA THR A 5 -26.23 14.26 -14.54
C THR A 5 -26.72 12.84 -14.68
N GLN A 6 -27.45 12.36 -13.67
CA GLN A 6 -27.90 10.98 -13.64
C GLN A 6 -29.33 10.81 -14.16
N SER A 7 -29.61 9.65 -14.73
CA SER A 7 -30.95 9.28 -15.19
C SER A 7 -31.21 7.81 -14.84
N PRO A 8 -32.41 7.52 -14.30
CA PRO A 8 -33.47 8.43 -13.88
C PRO A 8 -33.14 9.09 -12.54
N ASP A 9 -33.97 10.02 -12.09
CA ASP A 9 -33.81 10.57 -10.74
C ASP A 9 -34.26 9.59 -9.68
N SER A 10 -35.26 8.78 -10.02
CA SER A 10 -35.80 7.76 -9.13
C SER A 10 -36.20 6.59 -10.00
N LEU A 11 -36.12 5.39 -9.43
CA LEU A 11 -36.37 4.15 -10.14
C LEU A 11 -36.96 3.17 -9.14
N ALA A 12 -38.05 2.48 -9.48
CA ALA A 12 -38.62 1.41 -8.66
C ALA A 12 -38.58 0.10 -9.42
N VAL A 13 -37.84 -0.86 -8.89
CA VAL A 13 -37.50 -2.10 -9.60
C VAL A 13 -37.90 -3.31 -8.79
N SER A 14 -38.51 -4.29 -9.44
CA SER A 14 -38.90 -5.52 -8.74
C SER A 14 -37.71 -6.35 -8.29
N LEU A 15 -37.85 -6.99 -7.13
CA LEU A 15 -36.90 -7.99 -6.64
C LEU A 15 -36.62 -9.05 -7.72
N GLY A 16 -35.35 -9.30 -8.00
CA GLY A 16 -34.97 -10.32 -8.95
C GLY A 16 -34.73 -9.77 -10.34
N GLU A 17 -35.23 -8.56 -10.60
CA GLU A 17 -35.02 -7.93 -11.90
C GLU A 17 -33.74 -7.11 -11.95
N ARG A 18 -33.50 -6.46 -13.09
CA ARG A 18 -32.31 -5.65 -13.29
C ARG A 18 -32.59 -4.17 -13.12
N ALA A 19 -31.68 -3.49 -12.45
CA ALA A 19 -31.77 -2.05 -12.26
C ALA A 19 -30.65 -1.37 -13.05
N THR A 20 -31.02 -0.35 -13.82
CA THR A 20 -30.06 0.37 -14.65
C THR A 20 -30.04 1.84 -14.29
N ILE A 21 -28.87 2.35 -13.91
CA ILE A 21 -28.72 3.77 -13.54
C ILE A 21 -27.63 4.42 -14.40
N ASN A 22 -28.00 5.52 -15.05
CA ASN A 22 -27.12 6.17 -16.00
C ASN A 22 -26.50 7.49 -15.51
N CYS A 23 -25.28 7.76 -15.97
CA CYS A 23 -24.56 8.97 -15.60
C CYS A 23 -24.02 9.63 -16.86
N LYS A 24 -24.39 10.89 -17.09
CA LYS A 24 -23.86 11.61 -18.25
C LYS A 24 -22.99 12.79 -17.81
N SER A 25 -21.74 12.76 -18.25
CA SER A 25 -20.75 13.78 -17.93
C SER A 25 -20.84 14.95 -18.91
N SER A 26 -20.73 16.18 -18.43
CA SER A 26 -20.86 17.37 -19.29
C SER A 26 -19.72 17.48 -20.31
N GLN A 27 -18.57 16.90 -19.97
CA GLN A 27 -17.46 16.74 -20.90
C GLN A 27 -16.89 15.34 -20.72
N SER A 28 -16.09 14.87 -21.68
CA SER A 28 -15.44 13.58 -21.53
C SER A 28 -14.55 13.52 -20.29
N VAL A 29 -14.59 12.40 -19.60
CA VAL A 29 -13.69 12.16 -18.47
C VAL A 29 -12.78 10.98 -18.80
N PHE A 30 -12.68 10.68 -20.09
CA PHE A 30 -11.80 9.65 -20.61
C PHE A 30 -10.44 10.26 -20.94
N SER A 31 -9.37 9.62 -20.46
CA SER A 31 -8.03 10.10 -20.76
C SER A 31 -7.35 9.18 -21.79
N ARG A 32 -6.96 9.75 -22.93
CA ARG A 32 -6.25 9.00 -23.96
C ARG A 32 -4.82 8.69 -23.53
N ASP A 33 -4.32 9.47 -22.57
CA ASP A 33 -3.00 9.26 -22.01
C ASP A 33 -2.93 7.97 -21.19
N ASN A 34 -3.93 7.75 -20.34
CA ASN A 34 -3.92 6.61 -19.43
C ASN A 34 -4.87 5.49 -19.85
N ASN A 35 -5.68 5.74 -20.88
CA ASN A 35 -6.72 4.81 -21.31
C ASN A 35 -7.65 4.47 -20.16
N LYS A 36 -8.12 5.50 -19.46
CA LYS A 36 -8.97 5.32 -18.29
C LYS A 36 -10.06 6.38 -18.22
N ASN A 37 -11.23 6.00 -17.70
CA ASN A 37 -12.28 6.96 -17.40
C ASN A 37 -12.23 7.35 -15.92
N TYR A 38 -12.19 8.66 -15.66
CA TYR A 38 -12.00 9.12 -14.28
C TYR A 38 -13.35 9.23 -13.56
N LEU A 39 -13.95 8.08 -13.31
CA LEU A 39 -15.30 8.01 -12.77
C LEU A 39 -15.44 6.95 -11.69
N ALA A 40 -16.29 7.23 -10.70
CA ALA A 40 -16.60 6.26 -9.66
C ALA A 40 -18.11 6.21 -9.40
N TRP A 41 -18.56 5.11 -8.78
CA TRP A 41 -19.94 4.92 -8.35
C TRP A 41 -19.96 4.66 -6.85
N TYR A 42 -20.95 5.22 -6.15
CA TYR A 42 -21.11 5.00 -4.71
C TYR A 42 -22.52 4.58 -4.39
N GLN A 43 -22.64 3.86 -3.29
CA GLN A 43 -23.91 3.47 -2.71
C GLN A 43 -24.10 4.24 -1.42
N HIS A 44 -25.31 4.72 -1.14
CA HIS A 44 -25.54 5.37 0.12
C HIS A 44 -26.83 4.87 0.73
N LYS A 45 -26.70 3.97 1.69
CA LYS A 45 -27.84 3.37 2.36
C LYS A 45 -28.29 4.24 3.51
N SER A 46 -29.53 4.08 3.91
CA SER A 46 -30.06 4.85 5.02
C SER A 46 -29.25 4.59 6.28
N GLY A 47 -28.81 5.67 6.92
CA GLY A 47 -28.15 5.59 8.20
C GLY A 47 -26.71 5.15 8.16
N GLN A 48 -26.15 5.01 6.97
CA GLN A 48 -24.77 4.55 6.83
C GLN A 48 -23.94 5.56 6.06
N PRO A 49 -22.61 5.50 6.19
CA PRO A 49 -21.85 6.38 5.30
C PRO A 49 -21.85 5.84 3.88
N PRO A 50 -21.64 6.71 2.89
CA PRO A 50 -21.54 6.27 1.50
C PRO A 50 -20.45 5.23 1.33
N LYS A 51 -20.64 4.32 0.38
CA LYS A 51 -19.70 3.22 0.16
C LYS A 51 -19.25 3.19 -1.30
N LEU A 52 -17.94 3.04 -1.51
CA LEU A 52 -17.39 2.97 -2.87
C LEU A 52 -17.74 1.66 -3.57
N LEU A 53 -18.25 1.75 -4.80
CA LEU A 53 -18.62 0.55 -5.55
C LEU A 53 -17.65 0.27 -6.69
N PHE A 54 -17.46 1.27 -7.54
CA PHE A 54 -16.56 1.12 -8.68
C PHE A 54 -15.67 2.35 -8.80
N PHE A 55 -14.52 2.16 -9.43
CA PHE A 55 -13.66 3.27 -9.82
C PHE A 55 -13.09 2.96 -11.19
N TRP A 56 -12.51 3.96 -11.84
CA TRP A 56 -12.14 3.84 -13.25
C TRP A 56 -13.34 3.36 -14.05
N ALA A 57 -14.52 3.80 -13.65
CA ALA A 57 -15.81 3.48 -14.29
C ALA A 57 -16.25 2.01 -14.12
N SER A 58 -15.32 1.07 -14.18
CA SER A 58 -15.69 -0.34 -14.24
C SER A 58 -14.94 -1.28 -13.30
N SER A 59 -13.91 -0.78 -12.62
CA SER A 59 -13.14 -1.62 -11.72
C SER A 59 -13.85 -1.75 -10.37
N ARG A 60 -14.09 -2.99 -9.95
CA ARG A 60 -14.95 -3.26 -8.79
C ARG A 60 -14.18 -3.23 -7.47
N GLU A 61 -14.65 -2.42 -6.52
CA GLU A 61 -14.05 -2.39 -5.19
C GLU A 61 -14.23 -3.72 -4.48
N SER A 62 -13.19 -4.18 -3.79
CA SER A 62 -13.23 -5.47 -3.10
C SER A 62 -14.42 -5.56 -2.13
N GLY A 63 -15.06 -6.71 -2.10
CA GLY A 63 -16.20 -6.90 -1.23
C GLY A 63 -17.52 -6.46 -1.84
N VAL A 64 -17.47 -5.87 -3.03
CA VAL A 64 -18.69 -5.51 -3.72
C VAL A 64 -19.24 -6.70 -4.54
N SER A 65 -20.52 -6.99 -4.32
CA SER A 65 -21.25 -8.05 -5.00
C SER A 65 -21.02 -8.10 -6.51
N ASP A 66 -20.81 -9.30 -7.03
CA ASP A 66 -20.67 -9.53 -8.46
C ASP A 66 -21.96 -9.24 -9.24
N ARG A 67 -23.06 -9.01 -8.53
CA ARG A 67 -24.31 -8.59 -9.18
C ARG A 67 -24.20 -7.17 -9.73
N PHE A 68 -23.30 -6.38 -9.15
CA PHE A 68 -23.08 -5.00 -9.57
C PHE A 68 -22.05 -4.93 -10.69
N SER A 69 -22.26 -4.06 -11.68
CA SER A 69 -21.22 -3.82 -12.66
C SER A 69 -21.30 -2.39 -13.19
N GLY A 70 -20.13 -1.83 -13.48
CA GLY A 70 -20.04 -0.49 -14.03
C GLY A 70 -19.53 -0.56 -15.45
N SER A 71 -20.14 0.20 -16.34
CA SER A 71 -19.75 0.22 -17.74
C SER A 71 -19.90 1.63 -18.32
N GLY A 72 -19.61 1.76 -19.61
CA GLY A 72 -19.62 3.06 -20.26
C GLY A 72 -18.23 3.65 -20.38
N SER A 73 -18.10 4.73 -21.16
CA SER A 73 -16.86 5.49 -21.25
C SER A 73 -17.10 6.84 -21.93
N GLY A 74 -16.15 7.76 -21.80
CA GLY A 74 -16.27 9.06 -22.42
C GLY A 74 -17.21 9.94 -21.62
N THR A 75 -18.47 10.01 -22.05
CA THR A 75 -19.46 10.84 -21.36
C THR A 75 -20.67 10.06 -20.86
N ASP A 76 -20.81 8.79 -21.24
CA ASP A 76 -22.00 8.03 -20.84
C ASP A 76 -21.65 6.79 -20.04
N PHE A 77 -22.21 6.71 -18.84
CA PHE A 77 -21.85 5.64 -17.90
C PHE A 77 -23.07 4.97 -17.32
N THR A 78 -22.93 3.70 -16.98
CA THR A 78 -24.04 2.94 -16.43
C THR A 78 -23.62 2.08 -15.25
N LEU A 79 -24.42 2.13 -14.19
CA LEU A 79 -24.35 1.18 -13.10
C LEU A 79 -25.47 0.15 -13.27
N THR A 80 -25.10 -1.12 -13.32
CA THR A 80 -26.10 -2.16 -13.48
C THR A 80 -26.13 -3.04 -12.25
N ILE A 81 -27.32 -3.23 -11.70
CA ILE A 81 -27.53 -4.20 -10.64
C ILE A 81 -28.41 -5.33 -11.14
N ASP A 82 -27.86 -6.53 -11.25
CA ASP A 82 -28.65 -7.68 -11.66
C ASP A 82 -29.20 -8.41 -10.44
N ASN A 83 -30.27 -9.18 -10.66
CA ASN A 83 -30.89 -9.96 -9.61
C ASN A 83 -31.09 -9.13 -8.34
N LEU A 84 -31.91 -8.08 -8.45
CA LEU A 84 -32.03 -7.07 -7.40
C LEU A 84 -32.40 -7.71 -6.07
N GLN A 85 -31.68 -7.34 -5.02
CA GLN A 85 -31.94 -7.85 -3.67
C GLN A 85 -32.52 -6.75 -2.79
N ALA A 86 -33.22 -7.15 -1.72
CA ALA A 86 -33.78 -6.17 -0.79
C ALA A 86 -32.73 -5.18 -0.29
N GLU A 87 -31.54 -5.68 0.03
CA GLU A 87 -30.53 -4.81 0.63
C GLU A 87 -29.93 -3.78 -0.34
N ASP A 88 -30.29 -3.84 -1.62
CA ASP A 88 -29.79 -2.88 -2.60
C ASP A 88 -30.52 -1.53 -2.54
N VAL A 89 -31.57 -1.44 -1.72
CA VAL A 89 -32.31 -0.18 -1.62
C VAL A 89 -31.38 0.91 -1.07
N ALA A 90 -31.27 2.00 -1.82
CA ALA A 90 -30.24 2.99 -1.55
C ALA A 90 -30.32 4.17 -2.51
N LEU A 91 -29.54 5.21 -2.19
CA LEU A 91 -29.21 6.26 -3.14
C LEU A 91 -27.89 5.87 -3.83
N TYR A 92 -27.79 6.13 -5.12
CA TYR A 92 -26.58 5.80 -5.87
C TYR A 92 -26.05 7.07 -6.52
N TYR A 93 -24.74 7.26 -6.46
CA TYR A 93 -24.10 8.46 -7.02
C TYR A 93 -22.95 8.11 -7.92
N CYS A 94 -22.82 8.82 -9.03
CA CYS A 94 -21.56 8.79 -9.75
C CYS A 94 -20.73 9.99 -9.31
N GLN A 95 -19.43 9.90 -9.50
CA GLN A 95 -18.53 11.01 -9.19
C GLN A 95 -17.40 10.99 -10.20
N HIS A 96 -16.98 12.16 -10.68
CA HIS A 96 -15.78 12.19 -11.50
C HIS A 96 -14.66 12.78 -10.68
N TYR A 97 -13.42 12.41 -11.02
CA TYR A 97 -12.24 13.00 -10.40
C TYR A 97 -11.23 13.34 -11.50
N PHE A 98 -11.77 13.75 -12.66
CA PHE A 98 -10.98 14.14 -13.82
C PHE A 98 -10.15 15.39 -13.53
N ASN A 99 -10.82 16.44 -13.07
CA ASN A 99 -10.16 17.63 -12.54
C ASN A 99 -10.90 18.11 -11.29
N THR A 100 -10.47 19.23 -10.72
CA THR A 100 -11.15 19.77 -9.56
C THR A 100 -12.18 20.82 -9.96
N PRO A 101 -13.34 20.83 -9.29
CA PRO A 101 -13.75 19.94 -8.20
C PRO A 101 -14.21 18.55 -8.65
N HIS A 102 -14.01 17.56 -7.80
CA HIS A 102 -14.41 16.19 -8.09
C HIS A 102 -15.90 16.00 -7.86
N ASN A 103 -16.73 16.58 -8.72
CA ASN A 103 -18.18 16.61 -8.53
C ASN A 103 -18.90 15.25 -8.54
N PHE A 104 -19.94 15.14 -7.71
CA PHE A 104 -20.87 14.02 -7.76
C PHE A 104 -22.05 14.32 -8.67
N GLY A 105 -22.69 13.28 -9.20
CA GLY A 105 -23.99 13.43 -9.84
C GLY A 105 -25.03 13.72 -8.76
N GLN A 106 -26.27 14.01 -9.14
CA GLN A 106 -27.25 14.49 -8.17
C GLN A 106 -27.88 13.35 -7.35
N GLY A 107 -27.58 12.12 -7.74
CA GLY A 107 -28.11 10.95 -7.05
C GLY A 107 -29.32 10.32 -7.72
N THR A 108 -29.40 9.00 -7.65
CA THR A 108 -30.57 8.26 -8.10
C THR A 108 -31.12 7.41 -6.95
N LYS A 109 -32.40 7.56 -6.65
CA LYS A 109 -33.01 6.83 -5.56
C LYS A 109 -33.56 5.50 -6.08
N LEU A 110 -33.00 4.39 -5.60
CA LEU A 110 -33.49 3.08 -6.02
C LEU A 110 -34.46 2.55 -4.98
N GLU A 111 -35.68 2.37 -5.44
CA GLU A 111 -36.74 1.81 -4.64
C GLU A 111 -37.03 0.38 -5.09
N ILE A 112 -37.49 -0.44 -4.14
CA ILE A 112 -37.71 -1.86 -4.39
C ILE A 112 -39.20 -2.11 -4.53
N LYS A 113 -39.60 -2.86 -5.55
CA LYS A 113 -40.99 -3.31 -5.63
C LYS A 113 -41.10 -4.72 -5.09
N ARG A 114 -42.08 -4.95 -4.23
CA ARG A 114 -42.36 -6.25 -3.65
C ARG A 114 -43.86 -6.50 -3.67
N THR A 115 -44.29 -7.64 -3.15
CA THR A 115 -45.71 -7.94 -3.10
C THR A 115 -46.44 -7.00 -2.14
N VAL A 116 -47.73 -6.83 -2.37
CA VAL A 116 -48.56 -5.99 -1.51
C VAL A 116 -48.59 -6.57 -0.10
N ALA A 117 -48.42 -5.72 0.89
CA ALA A 117 -48.54 -6.18 2.27
C ALA A 117 -49.32 -5.15 3.05
N ALA A 118 -50.42 -5.58 3.66
CA ALA A 118 -51.25 -4.70 4.45
C ALA A 118 -50.60 -4.35 5.80
N PRO A 119 -50.86 -3.16 6.34
CA PRO A 119 -50.24 -2.80 7.62
C PRO A 119 -50.85 -3.57 8.78
N SER A 120 -50.04 -3.88 9.77
CA SER A 120 -50.55 -4.30 11.08
C SER A 120 -50.71 -3.04 11.90
N VAL A 121 -51.83 -2.88 12.60
CA VAL A 121 -52.12 -1.60 13.23
C VAL A 121 -52.13 -1.76 14.75
N PHE A 122 -51.47 -0.83 15.45
CA PHE A 122 -51.39 -0.83 16.90
C PHE A 122 -51.68 0.58 17.45
N ILE A 123 -52.31 0.66 18.62
CA ILE A 123 -52.56 1.98 19.20
C ILE A 123 -52.08 2.03 20.66
N PHE A 124 -51.57 3.20 21.06
CA PHE A 124 -50.97 3.46 22.36
C PHE A 124 -51.63 4.66 23.03
N PRO A 125 -52.33 4.45 24.15
CA PRO A 125 -52.84 5.61 24.90
C PRO A 125 -51.67 6.43 25.48
N PRO A 126 -51.97 7.62 26.01
CA PRO A 126 -50.84 8.33 26.58
C PRO A 126 -50.38 7.68 27.89
N SER A 127 -49.09 7.79 28.18
CA SER A 127 -48.56 7.30 29.46
C SER A 127 -49.04 8.18 30.61
N ASP A 128 -49.08 7.60 31.82
CA ASP A 128 -49.46 8.36 33.00
C ASP A 128 -48.43 9.44 33.32
N GLU A 129 -47.16 9.15 33.02
CA GLU A 129 -46.09 10.14 33.16
C GLU A 129 -46.39 11.39 32.36
N GLN A 130 -46.73 11.23 31.09
CA GLN A 130 -46.99 12.39 30.25
C GLN A 130 -48.25 13.14 30.69
N LEU A 131 -49.28 12.39 31.05
CA LEU A 131 -50.50 13.01 31.54
C LEU A 131 -50.22 13.93 32.74
N LYS A 132 -49.29 13.53 33.61
CA LYS A 132 -48.90 14.37 34.75
C LYS A 132 -48.35 15.72 34.32
N SER A 133 -47.74 15.78 33.14
CA SER A 133 -47.16 17.01 32.63
C SER A 133 -48.20 17.92 31.99
N GLY A 134 -49.40 17.40 31.78
CA GLY A 134 -50.50 18.20 31.24
C GLY A 134 -50.82 18.04 29.77
N THR A 135 -50.16 17.11 29.10
CA THR A 135 -50.48 16.88 27.68
C THR A 135 -50.71 15.39 27.44
N ALA A 136 -51.36 15.07 26.34
CA ALA A 136 -51.66 13.68 26.03
C ALA A 136 -51.36 13.42 24.57
N SER A 137 -50.44 12.50 24.32
CA SER A 137 -50.12 12.05 22.98
C SER A 137 -50.66 10.63 22.80
N VAL A 138 -51.44 10.44 21.75
CA VAL A 138 -51.96 9.13 21.39
C VAL A 138 -51.23 8.69 20.12
N VAL A 139 -50.67 7.49 20.12
CA VAL A 139 -49.85 7.08 19.00
C VAL A 139 -50.47 5.87 18.30
N CYS A 140 -50.51 5.96 16.98
CA CYS A 140 -51.01 4.89 16.12
C CYS A 140 -49.85 4.41 15.26
N LEU A 141 -49.58 3.11 15.27
CA LEU A 141 -48.50 2.51 14.50
C LEU A 141 -49.05 1.65 13.37
N LEU A 142 -48.56 1.90 12.16
CA LEU A 142 -48.86 1.07 10.99
C LEU A 142 -47.58 0.38 10.62
N ASN A 143 -47.51 -0.94 10.84
CA ASN A 143 -46.24 -1.63 10.72
C ASN A 143 -46.11 -2.46 9.45
N ASN A 144 -44.97 -2.30 8.77
CA ASN A 144 -44.52 -3.21 7.72
C ASN A 144 -45.52 -3.37 6.59
N PHE A 145 -45.82 -2.29 5.88
CA PHE A 145 -46.76 -2.35 4.76
C PHE A 145 -46.08 -2.00 3.43
N TYR A 146 -46.70 -2.43 2.33
CA TYR A 146 -46.24 -2.10 0.97
C TYR A 146 -47.42 -2.17 0.01
N PRO A 147 -47.54 -1.20 -0.93
CA PRO A 147 -46.67 -0.05 -1.17
C PRO A 147 -46.88 1.08 -0.14
N ARG A 148 -46.22 2.21 -0.34
CA ARG A 148 -46.04 3.20 0.73
C ARG A 148 -47.30 4.01 1.07
N GLU A 149 -48.17 4.14 0.08
CA GLU A 149 -49.40 4.91 0.17
C GLU A 149 -50.37 4.34 1.21
N ALA A 150 -50.36 4.89 2.42
CA ALA A 150 -51.29 4.48 3.46
C ALA A 150 -51.91 5.72 4.12
N LYS A 151 -53.19 5.63 4.48
CA LYS A 151 -53.86 6.76 5.09
C LYS A 151 -54.33 6.45 6.52
N VAL A 152 -54.17 7.43 7.41
CA VAL A 152 -54.61 7.32 8.79
C VAL A 152 -55.58 8.46 9.10
N GLN A 153 -56.71 8.16 9.72
CA GLN A 153 -57.59 9.22 10.22
C GLN A 153 -57.89 8.98 11.68
N TRP A 154 -57.93 10.05 12.46
CA TRP A 154 -58.28 9.98 13.87
C TRP A 154 -59.74 10.31 14.10
N LYS A 155 -60.39 9.53 14.94
CA LYS A 155 -61.75 9.84 15.37
C LYS A 155 -61.81 9.77 16.88
N VAL A 156 -62.41 10.79 17.47
CA VAL A 156 -62.55 10.87 18.92
C VAL A 156 -64.04 10.94 19.24
N ASP A 157 -64.55 9.91 19.93
CA ASP A 157 -65.99 9.72 20.10
C ASP A 157 -66.70 9.76 18.74
N ASN A 158 -66.06 9.15 17.75
CA ASN A 158 -66.60 8.97 16.40
C ASN A 158 -66.59 10.24 15.55
N ALA A 159 -66.06 11.33 16.10
CA ALA A 159 -65.90 12.57 15.33
C ALA A 159 -64.52 12.66 14.67
N LEU A 160 -64.50 12.89 13.35
CA LEU A 160 -63.26 13.02 12.59
C LEU A 160 -62.46 14.22 13.04
N GLN A 161 -61.18 14.01 13.24
CA GLN A 161 -60.31 15.04 13.77
C GLN A 161 -59.56 15.73 12.66
N SER A 162 -59.20 16.99 12.88
CA SER A 162 -58.34 17.68 11.94
C SER A 162 -57.51 18.69 12.68
N GLY A 163 -56.23 18.78 12.36
CA GLY A 163 -55.40 19.84 12.87
C GLY A 163 -54.64 19.53 14.16
N ASN A 164 -54.75 18.30 14.65
CA ASN A 164 -54.12 17.95 15.92
C ASN A 164 -53.31 16.67 15.84
N SER A 165 -52.84 16.32 14.65
CA SER A 165 -51.98 15.15 14.54
C SER A 165 -50.81 15.41 13.58
N GLN A 166 -49.73 14.64 13.76
CA GLN A 166 -48.62 14.63 12.81
C GLN A 166 -48.21 13.20 12.50
N GLU A 167 -47.72 12.95 11.30
CA GLU A 167 -47.26 11.59 10.99
C GLU A 167 -45.89 11.58 10.31
N SER A 168 -45.24 10.43 10.33
CA SER A 168 -43.94 10.29 9.70
C SER A 168 -43.82 8.84 9.18
N VAL A 169 -43.22 8.63 8.01
CA VAL A 169 -43.06 7.28 7.45
C VAL A 169 -41.59 6.97 7.44
N THR A 170 -41.23 5.70 7.64
CA THR A 170 -39.83 5.27 7.57
C THR A 170 -39.30 5.28 6.15
N GLU A 171 -37.98 5.22 6.03
CA GLU A 171 -37.39 4.77 4.78
C GLU A 171 -37.79 3.31 4.52
N GLN A 172 -37.54 2.82 3.32
CA GLN A 172 -37.85 1.44 2.96
C GLN A 172 -36.91 0.46 3.66
N ASP A 173 -37.47 -0.59 4.24
CA ASP A 173 -36.70 -1.59 4.98
C ASP A 173 -35.73 -2.37 4.09
N SER A 174 -34.48 -2.53 4.55
CA SER A 174 -33.47 -3.23 3.78
C SER A 174 -33.61 -4.75 3.81
N LYS A 175 -34.49 -5.26 4.66
CA LYS A 175 -34.70 -6.71 4.75
C LYS A 175 -36.00 -7.17 4.11
N ASP A 176 -37.12 -6.51 4.38
CA ASP A 176 -38.40 -6.98 3.82
C ASP A 176 -39.07 -5.96 2.89
N SER A 177 -38.36 -4.88 2.62
CA SER A 177 -38.77 -3.88 1.62
C SER A 177 -40.10 -3.20 1.93
N THR A 178 -40.50 -3.20 3.20
CA THR A 178 -41.71 -2.50 3.60
C THR A 178 -41.45 -1.11 4.17
N TYR A 179 -42.55 -0.43 4.49
CA TYR A 179 -42.54 0.86 5.17
C TYR A 179 -43.30 0.74 6.49
N SER A 180 -43.02 1.62 7.45
CA SER A 180 -43.89 1.76 8.63
C SER A 180 -44.26 3.22 8.83
N LEU A 181 -45.37 3.46 9.51
CA LEU A 181 -45.83 4.83 9.68
C LEU A 181 -46.30 5.01 11.12
N SER A 182 -45.95 6.16 11.68
CA SER A 182 -46.35 6.53 13.01
C SER A 182 -47.19 7.80 12.95
N SER A 183 -48.34 7.81 13.60
CA SER A 183 -49.14 9.05 13.65
C SER A 183 -49.42 9.37 15.11
N THR A 184 -49.27 10.64 15.48
CA THR A 184 -49.51 11.08 16.86
C THR A 184 -50.60 12.13 16.92
N LEU A 185 -51.61 11.86 17.72
CA LEU A 185 -52.68 12.80 18.01
C LEU A 185 -52.32 13.47 19.34
N THR A 186 -52.24 14.79 19.38
CA THR A 186 -51.80 15.41 20.62
C THR A 186 -52.83 16.38 21.13
N LEU A 187 -53.21 16.21 22.40
CA LEU A 187 -54.20 17.08 23.06
C LEU A 187 -53.71 17.53 24.41
N SER A 188 -54.31 18.59 24.95
CA SER A 188 -54.13 18.90 26.36
C SER A 188 -54.75 17.80 27.19
N LYS A 189 -54.27 17.63 28.42
CA LYS A 189 -54.85 16.68 29.35
C LYS A 189 -56.34 16.96 29.53
N ALA A 190 -56.68 18.25 29.63
CA ALA A 190 -58.05 18.68 29.81
C ALA A 190 -58.96 18.21 28.66
N ASP A 191 -58.55 18.48 27.43
CA ASP A 191 -59.32 18.04 26.25
C ASP A 191 -59.39 16.52 26.16
N TYR A 192 -58.27 15.84 26.42
CA TYR A 192 -58.23 14.37 26.42
C TYR A 192 -59.27 13.77 27.37
N GLU A 193 -59.38 14.34 28.56
CA GLU A 193 -60.29 13.78 29.55
C GLU A 193 -61.74 14.19 29.31
N LYS A 194 -61.98 14.97 28.26
CA LYS A 194 -63.36 15.32 27.90
C LYS A 194 -64.01 14.26 27.00
N HIS A 195 -63.22 13.27 26.58
CA HIS A 195 -63.72 12.24 25.65
C HIS A 195 -63.37 10.82 26.08
N LYS A 196 -64.06 9.85 25.50
CA LYS A 196 -63.89 8.47 25.89
C LYS A 196 -63.21 7.62 24.83
N VAL A 197 -63.79 7.59 23.62
CA VAL A 197 -63.29 6.70 22.58
C VAL A 197 -62.29 7.37 21.65
N TYR A 198 -61.08 6.84 21.61
CA TYR A 198 -60.03 7.31 20.73
C TYR A 198 -59.73 6.25 19.69
N ALA A 199 -59.86 6.61 18.42
CA ALA A 199 -59.74 5.62 17.33
C ALA A 199 -58.84 6.11 16.21
N CYS A 200 -58.03 5.16 15.72
CA CYS A 200 -57.19 5.32 14.55
C CYS A 200 -57.82 4.48 13.41
N GLU A 201 -58.06 5.09 12.26
CA GLU A 201 -58.69 4.38 11.14
C GLU A 201 -57.76 4.37 9.94
N VAL A 202 -57.49 3.17 9.43
CA VAL A 202 -56.40 2.98 8.48
C VAL A 202 -56.89 2.44 7.13
N THR A 203 -56.45 3.08 6.05
CA THR A 203 -56.76 2.67 4.68
C THR A 203 -55.46 2.33 3.95
N HIS A 204 -55.48 1.25 3.16
CA HIS A 204 -54.31 0.80 2.39
C HIS A 204 -54.81 -0.13 1.28
N GLN A 205 -54.08 -0.25 0.17
CA GLN A 205 -54.64 -1.03 -0.95
C GLN A 205 -54.64 -2.53 -0.61
N GLY A 206 -53.88 -2.89 0.42
CA GLY A 206 -53.81 -4.25 0.90
C GLY A 206 -55.01 -4.63 1.76
N LEU A 207 -55.86 -3.64 2.04
CA LEU A 207 -57.08 -3.85 2.83
C LEU A 207 -58.30 -3.56 1.98
N SER A 208 -59.34 -4.38 2.11
CA SER A 208 -60.57 -4.15 1.35
C SER A 208 -61.52 -3.21 2.10
N SER A 209 -61.26 -2.99 3.39
CA SER A 209 -62.06 -2.06 4.18
C SER A 209 -61.13 -1.37 5.16
N PRO A 210 -61.52 -0.17 5.64
CA PRO A 210 -60.67 0.47 6.63
C PRO A 210 -60.54 -0.35 7.92
N VAL A 211 -59.34 -0.39 8.48
CA VAL A 211 -59.13 -1.05 9.77
C VAL A 211 -59.14 0.00 10.88
N THR A 212 -59.91 -0.26 11.94
CA THR A 212 -59.98 0.67 13.07
C THR A 212 -59.38 0.04 14.32
N LYS A 213 -58.47 0.76 14.97
CA LYS A 213 -57.94 0.35 16.26
C LYS A 213 -58.37 1.42 17.25
N SER A 214 -58.99 1.03 18.35
CA SER A 214 -59.46 2.03 19.31
C SER A 214 -59.32 1.56 20.76
N PHE A 215 -59.39 2.51 21.68
CA PHE A 215 -59.49 2.21 23.10
C PHE A 215 -60.44 3.19 23.79
N ASN A 216 -60.97 2.79 24.94
CA ASN A 216 -61.73 3.68 25.79
C ASN A 216 -60.85 4.23 26.91
N ARG A 217 -60.70 5.54 26.95
CA ARG A 217 -59.95 6.21 28.01
C ARG A 217 -60.44 5.75 29.37
N GLY A 218 -59.51 5.37 30.25
CA GLY A 218 -59.89 4.98 31.59
C GLY A 218 -60.15 3.49 31.80
N GLU A 219 -60.56 2.79 30.75
CA GLU A 219 -60.67 1.35 30.83
C GLU A 219 -59.26 0.80 30.90
N CYS A 220 -58.95 0.16 32.03
CA CYS A 220 -57.57 -0.09 32.50
C CYS A 220 -56.53 -0.30 31.42
N GLN B 1 -8.49 -1.46 12.30
CA GLN B 1 -8.45 -1.33 10.85
C GLN B 1 -8.70 0.12 10.39
N VAL B 2 -8.86 0.31 9.09
CA VAL B 2 -9.03 1.63 8.50
C VAL B 2 -10.28 2.33 9.03
N GLN B 3 -10.07 3.49 9.63
CA GLN B 3 -11.17 4.21 10.25
C GLN B 3 -11.04 5.71 10.08
N LEU B 4 -12.18 6.35 9.88
CA LEU B 4 -12.27 7.79 9.98
C LEU B 4 -13.43 8.10 10.92
N VAL B 5 -13.13 8.77 12.03
CA VAL B 5 -14.14 9.06 13.05
C VAL B 5 -14.30 10.55 13.26
N GLU B 6 -15.50 11.06 13.02
CA GLU B 6 -15.79 12.48 13.13
C GLU B 6 -16.36 12.86 14.48
N SER B 7 -16.25 14.15 14.81
CA SER B 7 -16.85 14.74 16.00
C SER B 7 -18.33 14.45 16.05
N GLY B 8 -18.90 14.47 17.25
CA GLY B 8 -20.33 14.28 17.42
C GLY B 8 -21.05 15.50 16.91
N PRO B 9 -22.38 15.49 17.00
CA PRO B 9 -23.14 16.62 16.47
C PRO B 9 -22.80 17.92 17.22
N GLU B 10 -22.97 19.06 16.55
CA GLU B 10 -22.63 20.34 17.13
C GLU B 10 -23.77 21.33 16.90
N MET B 11 -24.02 22.16 17.91
CA MET B 11 -25.03 23.20 17.82
C MET B 11 -24.38 24.53 18.15
N ARG B 12 -24.56 25.51 17.27
CA ARG B 12 -24.01 26.85 17.47
C ARG B 12 -25.02 27.90 17.04
N LYS B 13 -24.81 29.13 17.52
CA LYS B 13 -25.56 30.30 17.05
C LYS B 13 -24.87 30.88 15.81
N PRO B 14 -25.63 31.58 14.96
CA PRO B 14 -25.01 32.24 13.81
C PRO B 14 -23.94 33.24 14.27
N GLY B 15 -22.86 33.36 13.52
CA GLY B 15 -21.77 34.23 13.92
C GLY B 15 -20.69 33.52 14.74
N GLU B 16 -21.05 32.40 15.38
CA GLU B 16 -20.07 31.70 16.21
C GLU B 16 -19.07 30.93 15.33
N SER B 17 -17.92 30.61 15.92
CA SER B 17 -16.89 29.81 15.28
C SER B 17 -17.09 28.33 15.58
N LEU B 18 -16.60 27.47 14.68
CA LEU B 18 -16.69 26.04 14.88
C LEU B 18 -15.60 25.29 14.11
N LYS B 19 -14.97 24.33 14.77
CA LYS B 19 -14.05 23.44 14.09
C LYS B 19 -14.40 21.98 14.38
N ILE B 20 -14.74 21.24 13.34
CA ILE B 20 -15.02 19.81 13.51
C ILE B 20 -13.80 19.01 13.08
N SER B 21 -13.71 17.78 13.58
CA SER B 21 -12.52 16.97 13.39
C SER B 21 -12.84 15.61 12.80
N CYS B 22 -11.82 15.04 12.15
CA CYS B 22 -11.91 13.72 11.55
C CYS B 22 -10.66 12.94 11.91
N LYS B 23 -10.74 12.10 12.94
CA LYS B 23 -9.61 11.33 13.44
C LYS B 23 -9.41 10.04 12.64
N THR B 24 -8.26 9.93 12.00
CA THR B 24 -8.00 8.76 11.16
C THR B 24 -7.06 7.80 11.88
N SER B 25 -7.31 6.50 11.68
CA SER B 25 -6.45 5.46 12.22
C SER B 25 -6.51 4.24 11.31
N GLY B 26 -5.55 3.33 11.47
CA GLY B 26 -5.54 2.10 10.69
C GLY B 26 -4.78 2.19 9.39
N TYR B 27 -4.34 3.39 9.02
CA TYR B 27 -3.52 3.54 7.82
C TYR B 27 -2.48 4.64 7.97
N ILE B 28 -1.55 4.70 7.01
CA ILE B 28 -0.51 5.71 7.01
C ILE B 28 -1.07 7.04 6.52
N PHE B 29 -1.20 7.99 7.44
CA PHE B 29 -1.81 9.27 7.18
C PHE B 29 -1.15 9.99 6.00
N SER B 30 0.17 9.87 5.91
CA SER B 30 0.92 10.59 4.88
C SER B 30 0.75 10.00 3.48
N ASP B 31 0.12 8.83 3.37
CA ASP B 31 -0.14 8.24 2.06
C ASP B 31 -1.48 8.66 1.46
N TYR B 32 -2.23 9.50 2.18
CA TYR B 32 -3.59 9.84 1.74
C TYR B 32 -3.96 11.31 1.90
N TRP B 33 -4.88 11.75 1.06
CA TRP B 33 -5.57 13.02 1.23
C TRP B 33 -6.75 12.82 2.17
N THR B 34 -7.35 13.92 2.59
CA THR B 34 -8.62 13.86 3.28
C THR B 34 -9.61 14.80 2.59
N ALA B 35 -10.75 14.28 2.19
CA ALA B 35 -11.77 15.06 1.53
C ALA B 35 -12.91 15.38 2.48
N TRP B 36 -13.53 16.53 2.28
CA TRP B 36 -14.75 16.84 3.00
C TRP B 36 -15.91 16.92 2.00
N VAL B 37 -17.02 16.30 2.37
CA VAL B 37 -18.20 16.18 1.52
C VAL B 37 -19.44 16.58 2.32
N ARG B 38 -20.25 17.47 1.76
CA ARG B 38 -21.48 17.91 2.43
C ARG B 38 -22.71 17.21 1.85
N GLN B 39 -23.57 16.66 2.71
CA GLN B 39 -24.81 16.03 2.22
C GLN B 39 -25.87 17.13 2.05
N LEU B 40 -26.58 17.08 0.93
CA LEU B 40 -27.54 18.11 0.63
C LEU B 40 -28.93 17.65 1.05
N PRO B 41 -29.84 18.59 1.31
CA PRO B 41 -31.20 18.21 1.71
C PRO B 41 -31.88 17.34 0.64
N GLY B 42 -32.48 16.23 1.07
CA GLY B 42 -33.19 15.32 0.19
C GLY B 42 -32.28 14.28 -0.46
N LYS B 43 -31.36 14.77 -1.26
CA LYS B 43 -30.48 13.94 -2.04
C LYS B 43 -29.31 14.82 -2.51
N GLY B 44 -28.14 14.22 -2.72
CA GLY B 44 -27.03 15.00 -3.22
C GLY B 44 -25.84 15.06 -2.28
N LEU B 45 -24.66 15.08 -2.90
CA LEU B 45 -23.39 15.20 -2.18
C LEU B 45 -22.57 16.30 -2.83
N GLN B 46 -22.01 17.19 -2.02
CA GLN B 46 -21.15 18.23 -2.55
C GLN B 46 -19.70 17.98 -2.14
N TRP B 47 -18.84 17.75 -3.13
CA TRP B 47 -17.41 17.65 -2.88
C TRP B 47 -16.90 19.02 -2.47
N MET B 48 -16.43 19.16 -1.23
CA MET B 48 -16.01 20.48 -0.75
C MET B 48 -14.55 20.76 -1.04
N GLY B 49 -13.72 19.72 -0.95
CA GLY B 49 -12.33 19.84 -1.32
C GLY B 49 -11.47 18.82 -0.61
N ILE B 50 -10.15 18.96 -0.74
CA ILE B 50 -9.22 18.00 -0.15
C ILE B 50 -8.01 18.69 0.47
N ILE B 51 -7.34 18.00 1.38
CA ILE B 51 -6.12 18.53 1.96
C ILE B 51 -5.11 17.41 2.29
N TYR B 52 -3.90 17.57 1.79
CA TYR B 52 -2.84 16.61 2.06
C TYR B 52 -2.00 17.11 3.23
N SER B 53 -1.88 16.28 4.27
CA SER B 53 -1.17 16.68 5.48
C SER B 53 0.31 16.95 5.27
N GLY B 54 0.87 16.37 4.21
CA GLY B 54 2.30 16.44 3.96
C GLY B 54 2.88 17.84 3.86
N ASP B 55 2.09 18.76 3.32
CA ASP B 55 2.52 20.15 3.15
C ASP B 55 1.32 21.08 3.23
N SER B 56 0.23 20.57 3.80
CA SER B 56 -1.04 21.28 3.90
C SER B 56 -1.47 21.87 2.55
N ASP B 57 -1.21 21.14 1.47
CA ASP B 57 -1.65 21.51 0.14
C ASP B 57 -3.16 21.29 0.06
N THR B 58 -3.89 22.34 -0.31
CA THR B 58 -5.34 22.31 -0.32
C THR B 58 -5.92 22.47 -1.71
N ARG B 59 -7.11 21.67 -2.31
CA ARG B 59 -8.01 22.10 -3.36
C ARG B 59 -9.35 22.45 -2.74
N TYR B 60 -9.93 23.52 -3.02
CA TYR B 60 -11.30 23.81 -2.61
C TYR B 60 -12.27 23.83 -3.78
N HIS B 61 -13.51 23.43 -3.52
CA HIS B 61 -14.60 23.69 -4.44
C HIS B 61 -14.71 25.20 -4.54
N PRO B 62 -14.77 25.74 -5.77
CA PRO B 62 -14.76 27.20 -5.96
C PRO B 62 -15.91 27.93 -5.23
N SER B 63 -16.93 27.20 -4.79
CA SER B 63 -18.08 27.82 -4.16
C SER B 63 -18.08 27.63 -2.65
N VAL B 64 -17.04 26.98 -2.14
CA VAL B 64 -16.85 26.95 -0.70
C VAL B 64 -15.58 27.72 -0.34
N GLN B 65 -14.79 28.17 -1.33
CA GLN B 65 -13.54 28.83 -0.98
C GLN B 65 -13.82 30.06 -0.13
N GLY B 66 -13.12 30.16 0.97
CA GLY B 66 -13.00 31.43 1.65
C GLY B 66 -14.05 31.54 2.73
N HIS B 67 -14.96 30.58 2.80
CA HIS B 67 -15.94 30.54 3.87
C HIS B 67 -15.61 29.44 4.89
N VAL B 68 -15.03 28.36 4.41
CA VAL B 68 -14.58 27.27 5.28
C VAL B 68 -13.07 27.08 5.11
N THR B 69 -12.45 26.50 6.11
CA THR B 69 -11.03 26.23 6.06
C THR B 69 -10.74 24.80 6.49
N MET B 70 -9.94 24.09 5.70
CA MET B 70 -9.45 22.77 6.07
C MET B 70 -8.05 22.87 6.65
N SER B 71 -7.78 22.05 7.65
CA SER B 71 -6.43 21.95 8.20
C SER B 71 -6.19 20.52 8.65
N THR B 72 -4.95 20.24 9.04
CA THR B 72 -4.61 18.93 9.55
C THR B 72 -3.68 19.03 10.75
N ASP B 73 -3.74 18.00 11.59
CA ASP B 73 -2.77 17.80 12.64
C ASP B 73 -2.14 16.43 12.38
N SER B 74 -1.02 16.43 11.66
CA SER B 74 -0.40 15.18 11.23
C SER B 74 0.05 14.36 12.44
N SER B 75 0.45 15.07 13.50
CA SER B 75 0.79 14.45 14.77
C SER B 75 -0.37 13.64 15.34
N LEU B 76 -1.60 14.14 15.16
CA LEU B 76 -2.80 13.46 15.65
C LEU B 76 -3.49 12.64 14.56
N THR B 77 -2.86 12.57 13.38
CA THR B 77 -3.44 12.00 12.16
C THR B 77 -4.92 12.39 12.03
N THR B 78 -5.19 13.69 12.17
CA THR B 78 -6.55 14.22 12.20
C THR B 78 -6.72 15.39 11.24
N ALA B 79 -7.85 15.43 10.54
CA ALA B 79 -8.20 16.52 9.64
C ALA B 79 -9.31 17.39 10.24
N TYR B 80 -9.28 18.67 9.91
CA TYR B 80 -10.28 19.61 10.45
C TYR B 80 -11.00 20.39 9.37
N LEU B 81 -12.24 20.77 9.69
CA LEU B 81 -13.04 21.68 8.87
C LEU B 81 -13.51 22.81 9.78
N GLN B 82 -13.30 24.05 9.37
CA GLN B 82 -13.54 25.18 10.27
C GLN B 82 -14.31 26.33 9.63
N TRP B 83 -15.28 26.85 10.37
CA TRP B 83 -15.99 28.07 9.99
C TRP B 83 -15.64 29.20 10.95
N SER B 84 -15.29 30.37 10.43
CA SER B 84 -14.98 31.50 11.31
C SER B 84 -16.25 32.23 11.75
N SER B 85 -17.31 32.13 10.95
CA SER B 85 -18.55 32.83 11.28
C SER B 85 -19.74 32.11 10.67
N LEU B 86 -20.34 31.23 11.46
CA LEU B 86 -21.41 30.37 10.99
C LEU B 86 -22.66 31.12 10.57
N LYS B 87 -23.30 30.61 9.52
CA LYS B 87 -24.62 31.09 9.13
C LYS B 87 -25.61 29.93 9.27
N ALA B 88 -26.88 30.24 9.55
CA ALA B 88 -27.91 29.22 9.74
C ALA B 88 -27.98 28.26 8.55
N SER B 89 -27.66 28.76 7.35
CA SER B 89 -27.75 27.91 6.16
C SER B 89 -26.56 26.94 6.03
N ASP B 90 -25.59 27.05 6.94
CA ASP B 90 -24.49 26.07 7.03
C ASP B 90 -24.94 24.75 7.67
N THR B 91 -26.16 24.73 8.20
CA THR B 91 -26.67 23.52 8.81
C THR B 91 -26.66 22.33 7.85
N GLY B 92 -26.19 21.18 8.33
CA GLY B 92 -26.27 19.96 7.55
C GLY B 92 -25.24 18.94 7.95
N ILE B 93 -25.18 17.85 7.22
CA ILE B 93 -24.28 16.76 7.55
C ILE B 93 -23.03 16.92 6.73
N TYR B 94 -21.87 16.75 7.39
CA TYR B 94 -20.56 16.85 6.73
C TYR B 94 -19.79 15.55 6.93
N TYR B 95 -19.30 14.97 5.84
CA TYR B 95 -18.47 13.77 5.91
C TYR B 95 -17.01 14.07 5.65
N CYS B 96 -16.13 13.28 6.24
CA CYS B 96 -14.76 13.22 5.75
C CYS B 96 -14.56 11.86 5.08
N ALA B 97 -13.59 11.76 4.19
CA ALA B 97 -13.33 10.54 3.47
C ALA B 97 -11.89 10.55 3.00
N ARG B 98 -11.26 9.38 2.90
CA ARG B 98 -9.86 9.35 2.50
C ARG B 98 -9.69 9.08 1.00
N LEU B 99 -8.58 9.57 0.47
CA LEU B 99 -8.31 9.60 -0.95
C LEU B 99 -6.84 9.26 -1.15
N ASP B 100 -6.55 8.29 -2.00
CA ASP B 100 -5.17 7.82 -2.19
C ASP B 100 -4.31 8.91 -2.84
N ALA B 101 -3.22 9.26 -2.15
CA ALA B 101 -2.33 10.33 -2.61
C ALA B 101 -1.22 9.80 -3.50
N ARG B 102 -1.03 8.50 -3.47
CA ARG B 102 0.09 7.87 -4.15
C ARG B 102 0.09 8.13 -5.64
N VAL B 103 1.28 8.13 -6.24
CA VAL B 103 1.42 7.98 -7.68
C VAL B 103 0.74 6.66 -7.98
N ASP B 104 0.23 6.47 -9.20
CA ASP B 104 -0.66 5.36 -9.60
C ASP B 104 -2.13 5.76 -9.40
N ALA B 105 -2.48 6.18 -8.20
CA ALA B 105 -3.84 6.02 -7.72
C ALA B 105 -4.90 6.98 -8.28
N GLY B 106 -6.09 6.42 -8.51
CA GLY B 106 -7.28 7.22 -8.75
C GLY B 106 -7.65 7.97 -7.48
N TRP B 107 -8.55 8.94 -7.60
CA TRP B 107 -8.87 9.81 -6.47
C TRP B 107 -10.29 9.54 -5.97
N GLN B 108 -10.69 8.28 -6.06
CA GLN B 108 -11.97 7.85 -5.50
C GLN B 108 -11.91 7.89 -3.98
N LEU B 109 -13.08 8.03 -3.34
CA LEU B 109 -13.17 8.08 -1.89
C LEU B 109 -13.52 6.69 -1.36
N ASP B 110 -12.53 5.93 -0.89
CA ASP B 110 -12.78 4.52 -0.57
C ASP B 110 -13.12 4.25 0.90
N SER B 111 -12.95 5.25 1.77
CA SER B 111 -13.34 5.08 3.17
C SER B 111 -13.88 6.39 3.73
N TRP B 112 -14.97 6.31 4.48
CA TRP B 112 -15.75 7.49 4.86
C TRP B 112 -16.00 7.57 6.36
N GLY B 113 -16.00 8.79 6.89
CA GLY B 113 -16.41 9.03 8.26
C GLY B 113 -17.90 8.84 8.42
N GLN B 114 -18.41 8.88 9.65
CA GLN B 114 -19.81 8.56 9.88
C GLN B 114 -20.69 9.78 9.64
N GLY B 115 -20.07 10.94 9.44
CA GLY B 115 -20.82 12.17 9.25
C GLY B 115 -21.09 12.91 10.55
N THR B 116 -21.11 14.23 10.47
CA THR B 116 -21.31 15.13 11.60
C THR B 116 -22.44 16.09 11.29
N LEU B 117 -23.52 16.06 12.07
CA LEU B 117 -24.60 17.02 11.89
C LEU B 117 -24.30 18.34 12.61
N VAL B 118 -23.99 19.36 11.83
CA VAL B 118 -23.78 20.70 12.36
C VAL B 118 -25.10 21.48 12.24
N THR B 119 -25.59 21.98 13.36
CA THR B 119 -26.80 22.82 13.34
C THR B 119 -26.43 24.22 13.74
N VAL B 120 -26.87 25.20 12.95
CA VAL B 120 -26.68 26.62 13.24
C VAL B 120 -28.06 27.26 13.37
N SER B 121 -28.41 27.68 14.59
CA SER B 121 -29.72 28.26 14.86
C SER B 121 -29.64 29.27 15.99
N SER B 122 -30.51 30.28 15.99
CA SER B 122 -30.62 31.16 17.15
C SER B 122 -31.60 30.62 18.19
N ALA B 123 -32.25 29.49 17.90
CA ALA B 123 -33.17 28.86 18.85
C ALA B 123 -32.42 28.09 19.95
N SER B 124 -33.06 27.92 21.11
CA SER B 124 -32.41 27.31 22.27
C SER B 124 -32.37 25.78 22.21
N THR B 125 -31.24 25.23 22.62
CA THR B 125 -31.11 23.79 22.75
C THR B 125 -32.06 23.26 23.83
N LYS B 126 -32.71 22.14 23.58
CA LYS B 126 -33.59 21.55 24.57
C LYS B 126 -33.56 20.03 24.50
N GLY B 127 -33.34 19.38 25.65
CA GLY B 127 -33.30 17.93 25.73
C GLY B 127 -34.71 17.35 25.71
N PRO B 128 -34.86 16.10 25.24
CA PRO B 128 -36.20 15.52 25.08
C PRO B 128 -36.83 15.03 26.37
N SER B 129 -38.16 14.96 26.42
CA SER B 129 -38.85 14.13 27.40
C SER B 129 -39.11 12.76 26.79
N VAL B 130 -38.88 11.70 27.54
CA VAL B 130 -39.05 10.36 27.00
C VAL B 130 -40.16 9.63 27.72
N PHE B 131 -41.15 9.18 26.96
CA PHE B 131 -42.32 8.52 27.53
C PHE B 131 -42.47 7.13 26.95
N PRO B 132 -42.86 6.14 27.79
CA PRO B 132 -43.06 4.78 27.29
C PRO B 132 -44.31 4.63 26.42
N LEU B 133 -44.19 3.81 25.39
CA LEU B 133 -45.35 3.31 24.66
C LEU B 133 -45.56 1.86 25.08
N ALA B 134 -46.42 1.65 26.07
CA ALA B 134 -46.46 0.34 26.72
C ALA B 134 -47.22 -0.70 25.90
N PRO B 135 -46.69 -1.94 25.84
CA PRO B 135 -47.49 -2.98 25.19
C PRO B 135 -48.74 -3.28 26.01
N SER B 136 -49.85 -3.48 25.31
CA SER B 136 -51.13 -3.73 25.93
C SER B 136 -51.94 -4.57 24.96
N SER B 137 -53.18 -4.87 25.31
CA SER B 137 -54.02 -5.66 24.40
C SER B 137 -54.33 -4.88 23.11
N LYS B 138 -54.14 -3.56 23.12
CA LYS B 138 -54.42 -2.74 21.95
C LYS B 138 -53.21 -2.58 21.01
N SER B 139 -52.08 -3.15 21.41
CA SER B 139 -50.90 -3.18 20.55
C SER B 139 -50.32 -4.58 20.50
N THR B 140 -51.21 -5.57 20.63
CA THR B 140 -50.84 -6.98 20.66
C THR B 140 -51.81 -7.80 19.83
N SER B 141 -51.33 -8.46 18.79
CA SER B 141 -52.20 -9.33 18.01
C SER B 141 -51.40 -10.36 17.20
N GLY B 142 -51.97 -11.54 17.00
CA GLY B 142 -51.36 -12.55 16.15
C GLY B 142 -50.09 -13.13 16.73
N GLY B 143 -49.90 -12.92 18.04
CA GLY B 143 -48.72 -13.39 18.74
C GLY B 143 -47.62 -12.34 18.87
N THR B 144 -47.86 -11.17 18.28
CA THR B 144 -46.87 -10.09 18.25
C THR B 144 -47.29 -8.96 19.19
N ALA B 145 -46.35 -8.42 19.98
CA ALA B 145 -46.64 -7.19 20.72
C ALA B 145 -45.76 -6.06 20.22
N ALA B 146 -46.33 -4.88 20.04
CA ALA B 146 -45.55 -3.68 19.73
C ALA B 146 -45.38 -2.84 20.99
N LEU B 147 -44.20 -2.25 21.16
CA LEU B 147 -43.93 -1.34 22.27
C LEU B 147 -42.89 -0.33 21.80
N GLY B 148 -42.63 0.71 22.58
CA GLY B 148 -41.73 1.73 22.09
C GLY B 148 -41.53 2.88 23.05
N CYS B 149 -40.89 3.93 22.55
CA CYS B 149 -40.69 5.14 23.33
C CYS B 149 -41.06 6.34 22.48
N LEU B 150 -41.76 7.29 23.10
CA LEU B 150 -42.04 8.60 22.51
C LEU B 150 -40.99 9.60 22.98
N VAL B 151 -40.29 10.23 22.04
CA VAL B 151 -39.21 11.16 22.36
C VAL B 151 -39.64 12.55 21.93
N LYS B 152 -40.02 13.37 22.89
CA LYS B 152 -40.82 14.55 22.58
C LYS B 152 -40.14 15.85 22.97
N ASP B 153 -40.29 16.88 22.14
CA ASP B 153 -39.90 18.27 22.49
C ASP B 153 -38.40 18.45 22.66
N TYR B 154 -37.62 18.15 21.63
CA TYR B 154 -36.19 18.42 21.69
C TYR B 154 -35.74 19.34 20.55
N PHE B 155 -34.55 19.92 20.72
CA PHE B 155 -33.91 20.73 19.69
C PHE B 155 -32.42 20.86 20.01
N PRO B 156 -31.55 20.77 19.00
CA PRO B 156 -31.83 20.45 17.59
C PRO B 156 -31.85 18.96 17.37
N GLU B 157 -31.84 18.53 16.11
CA GLU B 157 -31.54 17.14 15.78
C GLU B 157 -30.04 16.95 15.97
N PRO B 158 -29.56 15.71 16.16
CA PRO B 158 -30.26 14.42 16.16
C PRO B 158 -30.45 13.87 17.58
N VAL B 159 -31.48 13.05 17.70
CA VAL B 159 -31.68 12.18 18.83
C VAL B 159 -31.31 10.77 18.36
N THR B 160 -30.57 10.04 19.18
CA THR B 160 -30.21 8.65 18.90
C THR B 160 -31.03 7.71 19.78
N VAL B 161 -31.59 6.64 19.22
CA VAL B 161 -32.27 5.66 20.05
C VAL B 161 -31.68 4.28 19.84
N SER B 162 -31.36 3.59 20.93
CA SER B 162 -31.06 2.18 20.80
C SER B 162 -31.96 1.45 21.76
N TRP B 163 -31.98 0.12 21.66
CA TRP B 163 -32.79 -0.68 22.57
C TRP B 163 -31.89 -1.70 23.27
N ASN B 164 -32.04 -1.81 24.59
CA ASN B 164 -31.24 -2.75 25.38
C ASN B 164 -29.75 -2.62 25.06
N SER B 165 -29.29 -1.38 25.06
CA SER B 165 -27.90 -1.01 24.82
C SER B 165 -27.34 -1.56 23.51
N GLY B 166 -28.21 -1.75 22.53
CA GLY B 166 -27.78 -2.15 21.20
C GLY B 166 -27.98 -3.63 20.92
N ALA B 167 -28.38 -4.39 21.94
CA ALA B 167 -28.58 -5.84 21.80
C ALA B 167 -29.89 -6.17 21.11
N LEU B 168 -30.79 -5.20 21.03
CA LEU B 168 -32.09 -5.42 20.38
C LEU B 168 -32.17 -4.52 19.15
N THR B 169 -32.11 -5.12 17.96
CA THR B 169 -32.15 -4.35 16.72
C THR B 169 -33.21 -4.83 15.75
N SER B 170 -33.45 -6.14 15.66
CA SER B 170 -34.44 -6.61 14.69
C SER B 170 -35.82 -6.11 15.05
N GLY B 171 -36.59 -5.73 14.03
CA GLY B 171 -37.94 -5.23 14.22
C GLY B 171 -38.06 -3.83 14.80
N VAL B 172 -36.94 -3.13 14.97
CA VAL B 172 -36.99 -1.75 15.48
C VAL B 172 -37.30 -0.78 14.33
N HIS B 173 -38.19 0.18 14.57
CA HIS B 173 -38.39 1.30 13.63
C HIS B 173 -38.26 2.57 14.43
N THR B 174 -37.24 3.38 14.12
CA THR B 174 -37.09 4.69 14.73
C THR B 174 -37.49 5.67 13.65
N PHE B 175 -38.62 6.32 13.83
CA PHE B 175 -39.20 7.17 12.79
C PHE B 175 -38.48 8.50 12.63
N PRO B 176 -38.44 9.01 11.38
CA PRO B 176 -37.97 10.39 11.15
C PRO B 176 -38.72 11.36 12.07
N ALA B 177 -37.99 12.27 12.70
CA ALA B 177 -38.62 13.27 13.56
C ALA B 177 -39.62 14.12 12.80
N VAL B 178 -40.66 14.58 13.49
CA VAL B 178 -41.54 15.63 12.95
C VAL B 178 -41.21 16.95 13.63
N LEU B 179 -41.47 18.04 12.93
CA LEU B 179 -41.31 19.38 13.47
C LEU B 179 -42.65 19.85 14.01
N GLN B 180 -42.72 20.06 15.32
CA GLN B 180 -43.98 20.50 15.92
C GLN B 180 -44.14 21.97 15.65
N SER B 181 -45.36 22.48 15.85
CA SER B 181 -45.64 23.90 15.63
C SER B 181 -44.83 24.77 16.59
N SER B 182 -44.47 24.20 17.74
CA SER B 182 -43.61 24.84 18.73
C SER B 182 -42.18 25.04 18.28
N GLY B 183 -41.83 24.48 17.12
CA GLY B 183 -40.45 24.55 16.65
C GLY B 183 -39.58 23.46 17.25
N LEU B 184 -40.17 22.63 18.12
CA LEU B 184 -39.47 21.50 18.70
C LEU B 184 -39.73 20.21 17.93
N TYR B 185 -38.78 19.28 18.00
CA TYR B 185 -38.90 18.02 17.29
C TYR B 185 -39.57 16.96 18.17
N SER B 186 -40.11 15.95 17.53
CA SER B 186 -40.62 14.79 18.26
C SER B 186 -40.46 13.56 17.39
N LEU B 187 -40.12 12.44 18.01
CA LEU B 187 -40.09 11.19 17.25
C LEU B 187 -40.53 10.03 18.10
N SER B 188 -40.76 8.89 17.45
CA SER B 188 -40.98 7.68 18.21
C SER B 188 -40.11 6.53 17.69
N SER B 189 -39.80 5.59 18.57
CA SER B 189 -39.06 4.40 18.19
C SER B 189 -39.89 3.23 18.70
N VAL B 190 -40.14 2.25 17.84
CA VAL B 190 -41.00 1.13 18.24
C VAL B 190 -40.30 -0.18 17.90
N VAL B 191 -40.75 -1.26 18.52
CA VAL B 191 -40.22 -2.60 18.22
C VAL B 191 -41.36 -3.60 18.35
N THR B 192 -41.34 -4.65 17.53
CA THR B 192 -42.29 -5.74 17.68
C THR B 192 -41.54 -6.94 18.25
N VAL B 193 -42.15 -7.61 19.23
CA VAL B 193 -41.54 -8.71 19.95
C VAL B 193 -42.63 -9.79 20.14
N PRO B 194 -42.25 -11.03 20.53
CA PRO B 194 -43.30 -12.01 20.82
C PRO B 194 -44.15 -11.54 21.99
N SER B 195 -45.48 -11.64 21.89
CA SER B 195 -46.29 -11.33 23.08
C SER B 195 -46.08 -12.35 24.23
N SER B 196 -45.69 -13.58 23.89
CA SER B 196 -45.51 -14.64 24.91
C SER B 196 -44.42 -14.34 25.93
N SER B 197 -43.43 -13.53 25.57
CA SER B 197 -42.28 -13.34 26.45
C SER B 197 -42.24 -11.96 27.14
N LEU B 198 -43.35 -11.23 27.11
CA LEU B 198 -43.42 -9.94 27.80
C LEU B 198 -43.16 -10.09 29.31
N GLY B 199 -43.49 -11.25 29.86
CA GLY B 199 -43.27 -11.52 31.27
C GLY B 199 -41.83 -11.83 31.66
N THR B 200 -40.98 -12.17 30.69
CA THR B 200 -39.63 -12.60 30.99
C THR B 200 -38.58 -11.67 30.39
N GLN B 201 -38.89 -11.00 29.29
CA GLN B 201 -37.90 -10.11 28.69
C GLN B 201 -38.04 -8.69 29.23
N THR B 202 -36.92 -7.97 29.19
CA THR B 202 -36.87 -6.57 29.60
C THR B 202 -36.54 -5.70 28.39
N TYR B 203 -37.30 -4.61 28.22
CA TYR B 203 -37.11 -3.70 27.09
C TYR B 203 -36.86 -2.28 27.59
N ILE B 204 -35.68 -1.76 27.29
CA ILE B 204 -35.27 -0.43 27.68
C ILE B 204 -34.85 0.37 26.43
N CYS B 205 -35.42 1.56 26.25
CA CYS B 205 -34.95 2.40 25.15
C CYS B 205 -33.90 3.36 25.69
N ASN B 206 -32.77 3.45 25.00
CA ASN B 206 -31.69 4.31 25.43
C ASN B 206 -31.71 5.52 24.53
N VAL B 207 -31.95 6.68 25.12
CA VAL B 207 -32.12 7.88 24.31
C VAL B 207 -30.95 8.81 24.57
N ASN B 208 -30.34 9.27 23.49
CA ASN B 208 -29.19 10.15 23.56
C ASN B 208 -29.43 11.42 22.75
N HIS B 209 -29.24 12.58 23.37
CA HIS B 209 -29.31 13.85 22.67
C HIS B 209 -28.05 14.62 23.05
N LYS B 210 -27.00 14.43 22.26
CA LYS B 210 -25.69 15.02 22.54
C LYS B 210 -25.68 16.55 22.65
N PRO B 211 -26.41 17.25 21.77
CA PRO B 211 -26.41 18.72 21.91
C PRO B 211 -26.87 19.23 23.27
N SER B 212 -27.72 18.49 23.96
CA SER B 212 -28.16 18.89 25.29
C SER B 212 -27.45 18.08 26.39
N ASN B 213 -26.52 17.21 25.99
CA ASN B 213 -25.86 16.28 26.91
C ASN B 213 -26.86 15.50 27.78
N THR B 214 -27.95 15.10 27.14
CA THR B 214 -29.04 14.32 27.74
C THR B 214 -28.93 12.83 27.40
N LYS B 215 -29.02 11.96 28.41
CA LYS B 215 -29.08 10.52 28.22
C LYS B 215 -30.18 9.94 29.08
N VAL B 216 -31.13 9.26 28.47
CA VAL B 216 -32.27 8.72 29.19
C VAL B 216 -32.42 7.25 28.84
N ASP B 217 -32.53 6.41 29.86
CA ASP B 217 -32.90 5.01 29.67
C ASP B 217 -34.30 4.84 30.22
N LYS B 218 -35.20 4.33 29.42
CA LYS B 218 -36.58 4.19 29.87
C LYS B 218 -37.00 2.74 29.75
N ARG B 219 -37.30 2.13 30.90
CA ARG B 219 -37.84 0.79 30.92
C ARG B 219 -39.27 0.84 30.42
N VAL B 220 -39.60 -0.01 29.45
CA VAL B 220 -40.93 -0.01 28.88
C VAL B 220 -41.64 -1.27 29.30
N GLU B 221 -42.61 -1.14 30.20
CA GLU B 221 -43.27 -2.30 30.79
C GLU B 221 -44.69 -2.46 30.28
N PRO B 222 -45.16 -3.71 30.18
CA PRO B 222 -46.56 -3.95 29.80
C PRO B 222 -47.53 -3.24 30.74
N LYS B 223 -48.60 -2.72 30.15
CA LYS B 223 -49.65 -2.04 30.88
C LYS B 223 -50.40 -2.99 31.80
N SER B 224 -50.62 -2.58 33.05
CA SER B 224 -51.50 -3.31 33.95
C SER B 224 -52.55 -2.37 34.53
N CYS B 225 -53.54 -2.92 35.23
CA CYS B 225 -54.64 -2.10 35.74
C CYS B 225 -54.54 -1.83 37.24
N HIS B 226 -54.83 -0.59 37.62
CA HIS B 226 -54.77 -0.17 39.02
C HIS B 226 -56.00 0.62 39.43
N ASP C 1 5.28 7.41 1.99
CA ASP C 1 6.52 6.90 1.41
C ASP C 1 7.75 7.27 2.24
N ILE C 2 8.30 6.27 2.94
CA ILE C 2 9.45 6.48 3.81
C ILE C 2 10.76 6.23 3.09
N GLN C 3 11.71 7.14 3.26
CA GLN C 3 13.05 6.99 2.71
C GLN C 3 14.06 6.86 3.85
N LEU C 4 15.12 6.09 3.62
CA LEU C 4 16.17 5.89 4.61
C LEU C 4 17.47 6.52 4.13
N THR C 5 18.19 7.16 5.05
CA THR C 5 19.46 7.76 4.70
C THR C 5 20.53 7.29 5.66
N GLN C 6 21.54 6.61 5.13
CA GLN C 6 22.60 6.06 5.94
C GLN C 6 23.76 7.05 6.07
N SER C 7 24.49 6.96 7.17
CA SER C 7 25.74 7.69 7.33
C SER C 7 26.72 6.88 8.18
N PRO C 8 28.01 6.92 7.80
CA PRO C 8 28.55 7.62 6.64
C PRO C 8 28.22 6.88 5.34
N ASP C 9 28.57 7.45 4.18
CA ASP C 9 28.44 6.74 2.92
C ASP C 9 29.51 5.67 2.77
N SER C 10 30.68 5.95 3.33
CA SER C 10 31.78 5.00 3.32
C SER C 10 32.51 5.18 4.63
N LEU C 11 33.12 4.10 5.10
CA LEU C 11 33.79 4.06 6.39
C LEU C 11 34.96 3.10 6.24
N ALA C 12 36.15 3.49 6.74
CA ALA C 12 37.29 2.58 6.79
C ALA C 12 37.66 2.38 8.25
N VAL C 13 37.67 1.13 8.70
CA VAL C 13 37.88 0.83 10.12
C VAL C 13 39.00 -0.19 10.29
N SER C 14 39.88 0.01 11.27
CA SER C 14 40.95 -0.96 11.53
C SER C 14 40.43 -2.27 12.10
N LEU C 15 41.08 -3.37 11.72
CA LEU C 15 40.79 -4.68 12.28
C LEU C 15 40.86 -4.65 13.81
N GLY C 16 39.90 -5.30 14.46
CA GLY C 16 39.86 -5.36 15.91
C GLY C 16 39.06 -4.22 16.53
N GLU C 17 38.82 -3.16 15.76
CA GLU C 17 38.08 -2.00 16.26
C GLU C 17 36.59 -2.12 16.00
N ARG C 18 35.82 -1.12 16.45
CA ARG C 18 34.37 -1.16 16.30
C ARG C 18 33.92 -0.32 15.13
N ALA C 19 32.98 -0.86 14.34
CA ALA C 19 32.38 -0.13 13.24
C ALA C 19 30.95 0.26 13.57
N THR C 20 30.61 1.51 13.27
CA THR C 20 29.28 2.02 13.53
C THR C 20 28.63 2.56 12.24
N ILE C 21 27.48 2.02 11.87
CA ILE C 21 26.74 2.48 10.69
C ILE C 21 25.32 2.94 11.04
N ASN C 22 25.00 4.19 10.70
CA ASN C 22 23.74 4.78 11.10
C ASN C 22 22.70 4.83 9.98
N CYS C 23 21.43 4.71 10.37
CA CYS C 23 20.31 4.78 9.44
C CYS C 23 19.26 5.74 9.99
N LYS C 24 18.87 6.73 9.21
CA LYS C 24 17.80 7.64 9.63
C LYS C 24 16.61 7.59 8.68
N SER C 25 15.41 7.38 9.21
CA SER C 25 14.23 7.31 8.36
C SER C 25 13.52 8.66 8.28
N SER C 26 12.84 8.92 7.17
CA SER C 26 12.21 10.23 6.94
C SER C 26 10.98 10.42 7.83
N GLN C 27 10.36 9.31 8.24
CA GLN C 27 9.31 9.29 9.25
C GLN C 27 9.60 8.16 10.21
N SER C 28 8.95 8.18 11.37
CA SER C 28 9.08 7.09 12.33
C SER C 28 8.59 5.78 11.71
N VAL C 29 9.30 4.69 11.97
CA VAL C 29 8.82 3.39 11.54
C VAL C 29 8.56 2.52 12.76
N PHE C 30 8.38 3.19 13.90
CA PHE C 30 8.04 2.56 15.17
C PHE C 30 6.53 2.48 15.30
N SER C 31 6.02 1.28 15.61
CA SER C 31 4.60 1.14 15.85
C SER C 31 4.32 1.11 17.34
N ARG C 32 3.50 2.05 17.81
CA ARG C 32 3.14 2.08 19.22
C ARG C 32 2.25 0.89 19.56
N ASP C 33 1.70 0.25 18.53
CA ASP C 33 0.80 -0.88 18.71
C ASP C 33 1.51 -2.16 19.16
N ASN C 34 2.53 -2.59 18.42
CA ASN C 34 3.21 -3.83 18.77
C ASN C 34 4.60 -3.60 19.39
N ASN C 35 4.92 -2.35 19.70
CA ASN C 35 6.22 -1.98 20.27
C ASN C 35 7.38 -2.43 19.40
N LYS C 36 7.25 -2.29 18.09
CA LYS C 36 8.29 -2.77 17.19
C LYS C 36 8.68 -1.73 16.16
N ASN C 37 9.96 -1.75 15.79
CA ASN C 37 10.48 -0.94 14.70
C ASN C 37 10.55 -1.76 13.42
N TYR C 38 9.93 -1.26 12.35
CA TYR C 38 9.86 -2.02 11.11
C TYR C 38 11.11 -1.78 10.25
N LEU C 39 12.24 -2.29 10.71
CA LEU C 39 13.52 -2.02 10.09
C LEU C 39 14.40 -3.27 10.06
N ALA C 40 15.16 -3.41 8.98
CA ALA C 40 16.10 -4.51 8.84
C ALA C 40 17.47 -4.02 8.41
N TRP C 41 18.49 -4.85 8.68
CA TRP C 41 19.86 -4.63 8.24
C TRP C 41 20.35 -5.80 7.39
N TYR C 42 21.05 -5.47 6.30
CA TYR C 42 21.60 -6.48 5.42
C TYR C 42 23.09 -6.26 5.17
N GLN C 43 23.77 -7.36 4.87
CA GLN C 43 25.17 -7.38 4.48
C GLN C 43 25.23 -7.78 3.01
N HIS C 44 26.06 -7.10 2.22
CA HIS C 44 26.24 -7.53 0.84
C HIS C 44 27.73 -7.60 0.51
N LYS C 45 28.23 -8.83 0.52
CA LYS C 45 29.62 -9.11 0.19
C LYS C 45 29.81 -9.25 -1.31
N SER C 46 31.01 -8.91 -1.78
CA SER C 46 31.32 -8.98 -3.20
C SER C 46 31.05 -10.39 -3.71
N GLY C 47 30.31 -10.48 -4.82
CA GLY C 47 30.06 -11.75 -5.46
C GLY C 47 29.13 -12.71 -4.73
N GLN C 48 28.35 -12.20 -3.79
CA GLN C 48 27.37 -13.00 -3.06
C GLN C 48 26.00 -12.33 -3.06
N PRO C 49 24.94 -13.10 -2.83
CA PRO C 49 23.64 -12.42 -2.64
C PRO C 49 23.58 -11.72 -1.28
N PRO C 50 22.80 -10.64 -1.16
CA PRO C 50 22.66 -9.96 0.13
C PRO C 50 22.23 -10.91 1.23
N LYS C 51 22.64 -10.63 2.47
CA LYS C 51 22.31 -11.51 3.58
C LYS C 51 21.65 -10.72 4.72
N LEU C 52 20.53 -11.23 5.21
CA LEU C 52 19.84 -10.62 6.34
C LEU C 52 20.64 -10.67 7.64
N LEU C 53 20.75 -9.53 8.33
CA LEU C 53 21.46 -9.48 9.61
C LEU C 53 20.50 -9.35 10.78
N PHE C 54 19.66 -8.32 10.72
CA PHE C 54 18.74 -8.03 11.80
C PHE C 54 17.37 -7.67 11.26
N PHE C 55 16.34 -7.94 12.05
CA PHE C 55 15.00 -7.48 11.73
C PHE C 55 14.37 -6.98 13.04
N TRP C 56 13.26 -6.25 12.94
CA TRP C 56 12.72 -5.49 14.06
C TRP C 56 13.83 -4.63 14.68
N ALA C 57 14.69 -4.11 13.82
CA ALA C 57 15.82 -3.24 14.19
C ALA C 57 16.94 -3.94 14.95
N SER C 58 16.60 -4.85 15.85
CA SER C 58 17.60 -5.44 16.75
C SER C 58 17.55 -6.95 16.94
N SER C 59 16.57 -7.63 16.35
CA SER C 59 16.51 -9.09 16.47
C SER C 59 17.47 -9.74 15.49
N ARG C 60 18.36 -10.58 16.03
CA ARG C 60 19.47 -11.12 15.25
C ARG C 60 19.09 -12.40 14.50
N GLU C 61 19.23 -12.38 13.17
CA GLU C 61 19.00 -13.57 12.36
C GLU C 61 19.96 -14.69 12.77
N SER C 62 19.48 -15.93 12.76
CA SER C 62 20.31 -17.06 13.17
C SER C 62 21.60 -17.16 12.34
N GLY C 63 22.68 -17.56 12.98
CA GLY C 63 23.94 -17.74 12.27
C GLY C 63 24.76 -16.47 12.18
N VAL C 64 24.14 -15.34 12.48
CA VAL C 64 24.82 -14.05 12.45
C VAL C 64 25.70 -13.87 13.71
N SER C 65 26.98 -13.57 13.49
CA SER C 65 27.97 -13.37 14.56
C SER C 65 27.49 -12.44 15.67
N ASP C 66 27.83 -12.77 16.91
CA ASP C 66 27.41 -11.97 18.05
C ASP C 66 28.25 -10.71 18.17
N ARG C 67 29.23 -10.54 17.28
CA ARG C 67 29.96 -9.27 17.19
C ARG C 67 29.06 -8.18 16.62
N PHE C 68 28.01 -8.59 15.92
CA PHE C 68 27.06 -7.66 15.30
C PHE C 68 25.89 -7.39 16.24
N SER C 69 25.41 -6.15 16.25
CA SER C 69 24.23 -5.80 17.05
C SER C 69 23.44 -4.64 16.42
N GLY C 70 22.11 -4.71 16.51
CA GLY C 70 21.28 -3.65 15.98
C GLY C 70 20.67 -2.87 17.13
N SER C 71 20.51 -1.57 16.96
CA SER C 71 19.90 -0.77 18.01
C SER C 71 19.19 0.44 17.45
N GLY C 72 18.51 1.18 18.33
CA GLY C 72 17.81 2.39 17.93
C GLY C 72 16.32 2.17 17.77
N SER C 73 15.58 3.27 17.62
CA SER C 73 14.12 3.22 17.45
C SER C 73 13.60 4.53 16.84
N GLY C 74 12.34 4.52 16.41
CA GLY C 74 11.72 5.71 15.86
C GLY C 74 12.27 6.04 14.49
N THR C 75 13.19 7.00 14.42
CA THR C 75 13.77 7.39 13.15
C THR C 75 15.29 7.14 13.09
N ASP C 76 15.89 6.81 14.23
CA ASP C 76 17.34 6.71 14.31
C ASP C 76 17.82 5.31 14.68
N PHE C 77 18.62 4.71 13.80
CA PHE C 77 19.03 3.31 13.98
C PHE C 77 20.52 3.15 13.75
N THR C 78 21.10 2.16 14.41
CA THR C 78 22.52 1.92 14.30
C THR C 78 22.86 0.43 14.18
N LEU C 79 23.74 0.11 13.24
CA LEU C 79 24.36 -1.20 13.13
C LEU C 79 25.76 -1.14 13.74
N THR C 80 26.04 -2.02 14.69
CA THR C 80 27.35 -2.01 15.32
C THR C 80 28.07 -3.33 15.05
N ILE C 81 29.32 -3.23 14.66
CA ILE C 81 30.16 -4.41 14.51
C ILE C 81 31.37 -4.25 15.40
N ASP C 82 31.48 -5.09 16.44
CA ASP C 82 32.62 -5.03 17.33
C ASP C 82 33.71 -5.99 16.87
N ASN C 83 34.95 -5.70 17.29
CA ASN C 83 36.08 -6.56 17.00
C ASN C 83 36.12 -6.89 15.51
N LEU C 84 36.37 -5.88 14.68
CA LEU C 84 36.20 -5.99 13.23
C LEU C 84 37.10 -7.09 12.67
N GLN C 85 36.54 -7.92 11.79
CA GLN C 85 37.28 -9.03 11.17
C GLN C 85 37.42 -8.77 9.68
N ALA C 86 38.42 -9.38 9.05
CA ALA C 86 38.62 -9.21 7.62
C ALA C 86 37.36 -9.53 6.82
N GLU C 87 36.63 -10.58 7.23
CA GLU C 87 35.49 -11.03 6.43
C GLU C 87 34.27 -10.10 6.54
N ASP C 88 34.38 -9.04 7.35
CA ASP C 88 33.29 -8.08 7.49
C ASP C 88 33.26 -7.06 6.35
N VAL C 89 34.29 -7.06 5.50
CA VAL C 89 34.33 -6.12 4.37
C VAL C 89 33.10 -6.35 3.47
N ALA C 90 32.30 -5.30 3.28
CA ALA C 90 31.02 -5.43 2.59
C ALA C 90 30.30 -4.10 2.45
N LEU C 91 29.22 -4.12 1.67
CA LEU C 91 28.23 -3.05 1.70
C LEU C 91 27.15 -3.42 2.71
N TYR C 92 26.70 -2.46 3.51
CA TYR C 92 25.62 -2.70 4.46
C TYR C 92 24.43 -1.82 4.14
N TYR C 93 23.23 -2.37 4.26
CA TYR C 93 21.99 -1.64 3.96
C TYR C 93 20.99 -1.75 5.10
N CYS C 94 20.32 -0.64 5.39
CA CYS C 94 19.12 -0.74 6.20
C CYS C 94 17.94 -0.83 5.24
N GLN C 95 16.82 -1.33 5.74
CA GLN C 95 15.59 -1.38 4.95
C GLN C 95 14.43 -1.21 5.89
N HIS C 96 13.41 -0.47 5.49
CA HIS C 96 12.21 -0.41 6.32
C HIS C 96 11.15 -1.18 5.61
N TYR C 97 10.22 -1.73 6.36
CA TYR C 97 9.05 -2.37 5.78
C TYR C 97 7.79 -1.92 6.55
N PHE C 98 7.79 -0.63 6.90
CA PHE C 98 6.69 -0.01 7.64
C PHE C 98 5.44 0.14 6.75
N ASN C 99 5.66 0.49 5.50
CA ASN C 99 4.61 0.49 4.49
C ASN C 99 5.26 0.29 3.12
N THR C 100 4.46 0.20 2.07
CA THR C 100 5.01 -0.01 0.74
C THR C 100 5.30 1.33 0.08
N PRO C 101 6.39 1.41 -0.69
CA PRO C 101 7.37 0.36 -1.05
C PRO C 101 8.33 0.10 0.11
N HIS C 102 8.94 -1.08 0.27
CA HIS C 102 9.81 -1.15 1.45
C HIS C 102 11.24 -0.83 1.10
N ASN C 103 11.53 0.47 1.15
CA ASN C 103 12.77 1.05 0.68
C ASN C 103 14.01 0.67 1.48
N PHE C 104 15.11 0.52 0.75
CA PHE C 104 16.44 0.37 1.31
C PHE C 104 17.09 1.73 1.46
N GLY C 105 18.01 1.85 2.42
CA GLY C 105 18.93 2.98 2.46
C GLY C 105 19.90 2.89 1.29
N GLN C 106 20.71 3.92 1.08
CA GLN C 106 21.55 3.97 -0.11
C GLN C 106 22.75 3.03 -0.02
N GLY C 107 23.00 2.48 1.17
CA GLY C 107 24.15 1.62 1.40
C GLY C 107 25.35 2.34 1.99
N THR C 108 26.08 1.62 2.84
CA THR C 108 27.33 2.10 3.42
C THR C 108 28.44 1.10 3.10
N LYS C 109 29.52 1.60 2.50
CA LYS C 109 30.63 0.74 2.13
C LYS C 109 31.64 0.66 3.29
N LEU C 110 31.82 -0.53 3.85
CA LEU C 110 32.75 -0.75 4.95
C LEU C 110 34.06 -1.30 4.43
N GLU C 111 35.10 -0.49 4.55
CA GLU C 111 36.45 -0.87 4.16
C GLU C 111 37.30 -1.17 5.38
N ILE C 112 38.24 -2.09 5.23
CA ILE C 112 39.06 -2.56 6.32
C ILE C 112 40.41 -1.90 6.27
N LYS C 113 40.90 -1.41 7.40
CA LYS C 113 42.28 -0.91 7.43
C LYS C 113 43.19 -1.97 8.03
N ARG C 114 44.30 -2.22 7.35
CA ARG C 114 45.29 -3.19 7.80
C ARG C 114 46.69 -2.60 7.67
N THR C 115 47.72 -3.37 8.00
CA THR C 115 49.07 -2.84 7.88
C THR C 115 49.44 -2.62 6.40
N VAL C 116 50.40 -1.75 6.16
CA VAL C 116 50.90 -1.50 4.81
C VAL C 116 51.55 -2.74 4.22
N ALA C 117 51.20 -3.06 2.98
CA ALA C 117 51.84 -4.19 2.30
C ALA C 117 52.18 -3.82 0.87
N ALA C 118 53.46 -3.93 0.51
CA ALA C 118 53.91 -3.64 -0.84
C ALA C 118 53.41 -4.67 -1.86
N PRO C 119 53.17 -4.27 -3.12
CA PRO C 119 52.73 -5.27 -4.09
C PRO C 119 53.87 -6.21 -4.49
N SER C 120 53.54 -7.45 -4.83
CA SER C 120 54.44 -8.33 -5.55
C SER C 120 54.15 -8.12 -7.02
N VAL C 121 55.18 -7.95 -7.84
CA VAL C 121 54.96 -7.53 -9.23
C VAL C 121 55.40 -8.64 -10.20
N PHE C 122 54.53 -8.98 -11.13
CA PHE C 122 54.79 -10.00 -12.14
C PHE C 122 54.46 -9.48 -13.53
N ILE C 123 55.18 -9.96 -14.54
CA ILE C 123 54.87 -9.51 -15.89
C ILE C 123 54.78 -10.71 -16.83
N PHE C 124 53.88 -10.58 -17.80
CA PHE C 124 53.56 -11.64 -18.77
C PHE C 124 53.66 -11.11 -20.21
N PRO C 125 54.59 -11.66 -21.01
CA PRO C 125 54.62 -11.32 -22.43
C PRO C 125 53.37 -11.82 -23.15
N PRO C 126 53.15 -11.39 -24.38
CA PRO C 126 51.96 -11.96 -25.01
C PRO C 126 52.14 -13.45 -25.35
N SER C 127 51.04 -14.18 -25.41
CA SER C 127 51.08 -15.58 -25.85
C SER C 127 51.30 -15.69 -27.34
N ASP C 128 51.86 -16.82 -27.76
CA ASP C 128 52.07 -17.04 -29.19
C ASP C 128 50.74 -17.19 -29.92
N GLU C 129 49.76 -17.76 -29.23
CA GLU C 129 48.42 -17.90 -29.78
C GLU C 129 47.87 -16.51 -30.12
N GLN C 130 48.03 -15.55 -29.19
CA GLN C 130 47.50 -14.22 -29.49
C GLN C 130 48.30 -13.51 -30.58
N LEU C 131 49.62 -13.67 -30.52
CA LEU C 131 50.47 -13.05 -31.52
C LEU C 131 50.10 -13.51 -32.94
N LYS C 132 49.61 -14.75 -33.06
CA LYS C 132 49.17 -15.22 -34.38
C LYS C 132 47.95 -14.46 -34.87
N SER C 133 47.16 -13.95 -33.94
CA SER C 133 45.94 -13.23 -34.30
C SER C 133 46.21 -11.78 -34.72
N GLY C 134 47.44 -11.32 -34.52
CA GLY C 134 47.83 -9.98 -34.94
C GLY C 134 47.89 -8.90 -33.86
N THR C 135 47.61 -9.25 -32.62
CA THR C 135 47.71 -8.28 -31.53
C THR C 135 48.58 -8.82 -30.41
N ALA C 136 49.14 -7.91 -29.61
CA ALA C 136 49.99 -8.31 -28.50
C ALA C 136 49.52 -7.61 -27.23
N SER C 137 49.17 -8.40 -26.21
CA SER C 137 48.83 -7.85 -24.92
C SER C 137 49.91 -8.24 -23.93
N VAL C 138 50.44 -7.24 -23.24
CA VAL C 138 51.43 -7.48 -22.19
C VAL C 138 50.73 -7.22 -20.86
N VAL C 139 50.81 -8.14 -19.92
CA VAL C 139 50.08 -7.96 -18.68
C VAL C 139 51.05 -7.79 -17.50
N CYS C 140 50.76 -6.78 -16.67
CA CYS C 140 51.50 -6.54 -15.44
C CYS C 140 50.56 -6.75 -14.27
N LEU C 141 50.97 -7.59 -13.31
CA LEU C 141 50.18 -7.95 -12.14
C LEU C 141 50.82 -7.38 -10.87
N LEU C 142 50.02 -6.68 -10.07
CA LEU C 142 50.47 -6.16 -8.78
C LEU C 142 49.64 -6.91 -7.77
N ASN C 143 50.27 -7.77 -6.98
CA ASN C 143 49.49 -8.67 -6.16
C ASN C 143 49.52 -8.32 -4.68
N ASN C 144 48.34 -8.35 -4.07
CA ASN C 144 48.18 -8.33 -2.63
C ASN C 144 48.83 -7.15 -1.93
N PHE C 145 48.40 -5.92 -2.25
CA PHE C 145 48.97 -4.74 -1.64
C PHE C 145 47.95 -3.96 -0.82
N TYR C 146 48.44 -3.08 0.05
CA TYR C 146 47.57 -2.24 0.88
C TYR C 146 48.39 -1.05 1.36
N PRO C 147 47.83 0.18 1.31
CA PRO C 147 46.51 0.61 0.85
C PRO C 147 46.37 0.57 -0.66
N ARG C 148 45.22 1.03 -1.14
CA ARG C 148 44.79 0.71 -2.49
C ARG C 148 45.55 1.47 -3.57
N GLU C 149 46.14 2.59 -3.16
CA GLU C 149 46.83 3.53 -4.03
C GLU C 149 48.14 2.99 -4.59
N ALA C 150 48.10 2.40 -5.77
CA ALA C 150 49.30 1.90 -6.42
C ALA C 150 49.32 2.45 -7.84
N LYS C 151 50.48 2.88 -8.33
CA LYS C 151 50.55 3.39 -9.69
C LYS C 151 51.46 2.53 -10.58
N VAL C 152 51.03 2.34 -11.83
CA VAL C 152 51.81 1.61 -12.81
C VAL C 152 52.13 2.49 -14.03
N GLN C 153 53.38 2.48 -14.48
CA GLN C 153 53.69 3.10 -15.76
C GLN C 153 54.34 2.05 -16.66
N TRP C 154 54.03 2.11 -17.95
CA TRP C 154 54.63 1.24 -18.95
C TRP C 154 55.77 1.94 -19.67
N LYS C 155 56.90 1.26 -19.84
CA LYS C 155 57.99 1.82 -20.65
C LYS C 155 58.39 0.79 -21.69
N VAL C 156 58.57 1.24 -22.93
CA VAL C 156 58.97 0.38 -24.03
C VAL C 156 60.27 0.94 -24.62
N ASP C 157 61.34 0.15 -24.51
CA ASP C 157 62.69 0.63 -24.83
C ASP C 157 62.99 1.92 -24.06
N ASN C 158 62.51 1.96 -22.82
CA ASN C 158 62.73 3.04 -21.86
C ASN C 158 61.97 4.33 -22.17
N ALA C 159 61.09 4.30 -23.18
CA ALA C 159 60.19 5.43 -23.44
C ALA C 159 58.86 5.24 -22.70
N LEU C 160 58.45 6.26 -21.96
CA LEU C 160 57.19 6.24 -21.22
C LEU C 160 56.00 6.15 -22.17
N GLN C 161 55.12 5.20 -21.94
CA GLN C 161 53.97 5.01 -22.81
C GLN C 161 52.77 5.83 -22.34
N SER C 162 51.92 6.21 -23.28
CA SER C 162 50.64 6.80 -22.91
C SER C 162 49.59 6.42 -23.94
N GLY C 163 48.41 6.03 -23.47
CA GLY C 163 47.28 5.85 -24.38
C GLY C 163 47.06 4.44 -24.91
N ASN C 164 47.87 3.49 -24.46
CA ASN C 164 47.76 2.13 -24.96
C ASN C 164 47.63 1.08 -23.85
N SER C 165 47.21 1.51 -22.66
CA SER C 165 47.01 0.57 -21.57
C SER C 165 45.67 0.78 -20.85
N GLN C 166 45.19 -0.28 -20.21
CA GLN C 166 44.05 -0.20 -19.31
C GLN C 166 44.37 -0.98 -18.05
N GLU C 167 43.85 -0.55 -16.92
CA GLU C 167 44.08 -1.28 -15.69
C GLU C 167 42.77 -1.44 -14.94
N SER C 168 42.74 -2.36 -14.00
CA SER C 168 41.57 -2.61 -13.17
C SER C 168 42.02 -3.14 -11.79
N VAL C 169 41.34 -2.72 -10.72
CA VAL C 169 41.68 -3.16 -9.35
C VAL C 169 40.57 -4.04 -8.81
N THR C 170 40.93 -5.04 -8.03
CA THR C 170 39.96 -5.94 -7.38
C THR C 170 39.25 -5.21 -6.27
N GLU C 171 38.14 -5.81 -5.83
CA GLU C 171 37.57 -5.49 -4.54
C GLU C 171 38.56 -5.88 -3.44
N GLN C 172 38.30 -5.48 -2.20
CA GLN C 172 39.20 -5.77 -1.11
C GLN C 172 39.03 -7.23 -0.69
N ASP C 173 40.13 -7.92 -0.45
CA ASP C 173 40.11 -9.35 -0.12
C ASP C 173 39.48 -9.63 1.25
N SER C 174 38.64 -10.67 1.32
CA SER C 174 37.92 -11.00 2.54
C SER C 174 38.77 -11.77 3.54
N LYS C 175 39.96 -12.19 3.12
CA LYS C 175 40.87 -12.94 3.98
C LYS C 175 42.03 -12.10 4.46
N ASP C 176 42.70 -11.41 3.54
CA ASP C 176 43.89 -10.65 3.95
C ASP C 176 43.75 -9.13 3.74
N SER C 177 42.58 -8.69 3.32
CA SER C 177 42.23 -7.26 3.28
C SER C 177 43.14 -6.46 2.33
N THR C 178 43.77 -7.14 1.37
CA THR C 178 44.55 -6.42 0.36
C THR C 178 43.80 -6.21 -0.93
N TYR C 179 44.47 -5.53 -1.86
CA TYR C 179 43.96 -5.37 -3.23
C TYR C 179 44.95 -5.96 -4.23
N SER C 180 44.48 -6.24 -5.44
CA SER C 180 45.40 -6.57 -6.53
C SER C 180 45.02 -5.74 -7.77
N LEU C 181 45.98 -5.56 -8.66
CA LEU C 181 45.80 -4.69 -9.80
C LEU C 181 46.40 -5.38 -11.02
N SER C 182 45.68 -5.33 -12.13
CA SER C 182 46.14 -5.82 -13.42
C SER C 182 46.19 -4.66 -14.41
N SER C 183 47.31 -4.50 -15.11
CA SER C 183 47.40 -3.49 -16.18
C SER C 183 47.78 -4.22 -17.47
N THR C 184 47.17 -3.84 -18.59
CA THR C 184 47.44 -4.50 -19.89
C THR C 184 47.86 -3.46 -20.89
N LEU C 185 49.04 -3.65 -21.47
CA LEU C 185 49.51 -2.82 -22.55
C LEU C 185 49.17 -3.53 -23.86
N THR C 186 48.47 -2.87 -24.77
CA THR C 186 48.06 -3.57 -25.98
C THR C 186 48.60 -2.89 -27.23
N LEU C 187 49.27 -3.68 -28.08
CA LEU C 187 49.85 -3.17 -29.32
C LEU C 187 49.46 -4.08 -30.46
N SER C 188 49.51 -3.58 -31.69
CA SER C 188 49.45 -4.48 -32.82
C SER C 188 50.69 -5.38 -32.78
N LYS C 189 50.62 -6.55 -33.41
CA LYS C 189 51.81 -7.40 -33.50
C LYS C 189 52.97 -6.64 -34.16
N ALA C 190 52.66 -5.88 -35.20
CA ALA C 190 53.67 -5.12 -35.93
C ALA C 190 54.41 -4.12 -35.04
N ASP C 191 53.67 -3.36 -34.22
CA ASP C 191 54.28 -2.40 -33.30
C ASP C 191 55.08 -3.11 -32.20
N TYR C 192 54.56 -4.23 -31.72
CA TYR C 192 55.24 -5.03 -30.70
C TYR C 192 56.63 -5.47 -31.15
N GLU C 193 56.75 -5.91 -32.40
CA GLU C 193 58.01 -6.44 -32.88
C GLU C 193 59.00 -5.35 -33.28
N LYS C 194 58.58 -4.09 -33.18
CA LYS C 194 59.49 -2.98 -33.48
C LYS C 194 60.33 -2.57 -32.26
N HIS C 195 60.08 -3.20 -31.10
CA HIS C 195 60.78 -2.83 -29.87
C HIS C 195 61.27 -4.05 -29.11
N LYS C 196 62.21 -3.85 -28.19
CA LYS C 196 62.83 -4.96 -27.48
C LYS C 196 62.40 -5.09 -26.03
N VAL C 197 62.61 -4.02 -25.26
CA VAL C 197 62.39 -4.05 -23.82
C VAL C 197 61.01 -3.53 -23.42
N TYR C 198 60.25 -4.40 -22.73
CA TYR C 198 58.94 -4.06 -22.24
C TYR C 198 58.99 -4.07 -20.73
N ALA C 199 58.67 -2.93 -20.15
CA ALA C 199 58.77 -2.76 -18.70
C ALA C 199 57.52 -2.18 -18.09
N CYS C 200 57.22 -2.67 -16.89
CA CYS C 200 56.17 -2.16 -16.03
C CYS C 200 56.84 -1.58 -14.77
N GLU C 201 56.57 -0.32 -14.45
CA GLU C 201 57.19 0.35 -13.32
C GLU C 201 56.17 0.69 -12.25
N VAL C 202 56.39 0.26 -11.03
CA VAL C 202 55.35 0.29 -10.01
C VAL C 202 55.75 1.17 -8.81
N THR C 203 54.82 2.02 -8.38
CA THR C 203 54.99 2.89 -7.22
C THR C 203 53.92 2.55 -6.20
N HIS C 204 54.27 2.54 -4.90
CA HIS C 204 53.32 2.24 -3.83
C HIS C 204 53.95 2.74 -2.52
N GLN C 205 53.14 3.12 -1.54
CA GLN C 205 53.73 3.72 -0.34
C GLN C 205 54.53 2.69 0.46
N GLY C 206 54.30 1.41 0.19
CA GLY C 206 55.07 0.34 0.82
C GLY C 206 56.46 0.09 0.22
N LEU C 207 56.77 0.83 -0.84
CA LEU C 207 58.06 0.77 -1.54
C LEU C 207 58.79 2.12 -1.41
N SER C 208 60.09 2.09 -1.11
CA SER C 208 60.83 3.35 -1.01
C SER C 208 61.31 3.82 -2.38
N SER C 209 61.22 2.97 -3.40
CA SER C 209 61.63 3.33 -4.76
C SER C 209 60.77 2.54 -5.71
N PRO C 210 60.62 3.02 -6.96
CA PRO C 210 59.79 2.24 -7.87
C PRO C 210 60.37 0.86 -8.17
N VAL C 211 59.51 -0.14 -8.28
CA VAL C 211 59.90 -1.47 -8.69
C VAL C 211 59.66 -1.64 -10.18
N THR C 212 60.65 -2.18 -10.89
CA THR C 212 60.52 -2.39 -12.33
C THR C 212 60.58 -3.88 -12.66
N LYS C 213 59.61 -4.36 -13.43
CA LYS C 213 59.62 -5.73 -13.94
C LYS C 213 59.61 -5.65 -15.48
N SER C 214 60.57 -6.32 -16.11
CA SER C 214 60.66 -6.20 -17.56
C SER C 214 61.13 -7.48 -18.21
N PHE C 215 61.05 -7.50 -19.54
CA PHE C 215 61.60 -8.60 -20.32
C PHE C 215 62.05 -8.09 -21.69
N ASN C 216 62.93 -8.86 -22.34
CA ASN C 216 63.31 -8.60 -23.72
C ASN C 216 62.52 -9.51 -24.65
N ARG C 217 61.80 -8.91 -25.59
CA ARG C 217 61.02 -9.67 -26.56
C ARG C 217 61.91 -10.65 -27.32
N GLY C 218 61.54 -11.93 -27.30
CA GLY C 218 62.28 -12.96 -28.00
C GLY C 218 63.27 -13.78 -27.19
N GLU C 219 63.47 -13.40 -25.93
CA GLU C 219 64.49 -14.03 -25.07
C GLU C 219 63.96 -15.31 -24.40
N CYS C 220 64.85 -16.04 -23.72
CA CYS C 220 64.44 -17.21 -22.93
C CYS C 220 64.44 -16.91 -21.44
N GLN D 1 17.35 -27.63 1.02
CA GLN D 1 17.21 -26.47 1.93
C GLN D 1 16.58 -25.31 1.18
N VAL D 2 16.15 -24.28 1.91
CA VAL D 2 15.47 -23.13 1.31
C VAL D 2 16.30 -22.53 0.19
N GLN D 3 15.88 -22.67 -1.06
CA GLN D 3 16.66 -22.06 -2.13
C GLN D 3 15.82 -21.19 -3.07
N LEU D 4 16.43 -20.14 -3.58
CA LEU D 4 15.84 -19.40 -4.67
C LEU D 4 16.88 -19.36 -5.78
N VAL D 5 16.51 -19.79 -6.98
CA VAL D 5 17.47 -19.89 -8.08
C VAL D 5 16.96 -19.20 -9.34
N GLU D 6 17.68 -18.17 -9.79
CA GLU D 6 17.26 -17.35 -10.90
C GLU D 6 17.89 -17.80 -12.22
N SER D 7 17.25 -17.40 -13.33
CA SER D 7 17.74 -17.64 -14.68
C SER D 7 19.16 -17.14 -14.82
N GLY D 8 19.91 -17.69 -15.76
CA GLY D 8 21.26 -17.23 -16.04
C GLY D 8 21.20 -15.87 -16.70
N PRO D 9 22.37 -15.35 -17.10
CA PRO D 9 22.36 -14.01 -17.72
C PRO D 9 21.57 -14.01 -19.02
N GLU D 10 20.94 -12.87 -19.32
CA GLU D 10 20.12 -12.72 -20.52
C GLU D 10 20.53 -11.45 -21.26
N MET D 11 20.60 -11.55 -22.58
CA MET D 11 20.96 -10.45 -23.44
C MET D 11 19.82 -10.27 -24.44
N ARG D 12 19.34 -9.04 -24.56
CA ARG D 12 18.28 -8.73 -25.53
C ARG D 12 18.52 -7.37 -26.18
N LYS D 13 17.88 -7.15 -27.32
CA LYS D 13 17.85 -5.83 -27.98
C LYS D 13 16.74 -4.97 -27.39
N PRO D 14 16.89 -3.64 -27.40
CA PRO D 14 15.78 -2.80 -26.94
C PRO D 14 14.50 -3.13 -27.74
N GLY D 15 13.35 -3.09 -27.08
CA GLY D 15 12.10 -3.38 -27.75
C GLY D 15 11.68 -4.84 -27.59
N GLU D 16 12.64 -5.71 -27.32
CA GLU D 16 12.30 -7.13 -27.22
C GLU D 16 11.65 -7.40 -25.87
N SER D 17 10.96 -8.54 -25.77
CA SER D 17 10.34 -8.95 -24.50
C SER D 17 11.25 -9.91 -23.74
N LEU D 18 11.06 -9.98 -22.42
CA LEU D 18 11.86 -10.89 -21.59
C LEU D 18 11.14 -11.29 -20.32
N LYS D 19 11.18 -12.57 -19.99
CA LYS D 19 10.70 -13.03 -18.69
C LYS D 19 11.78 -13.84 -17.99
N ILE D 20 12.22 -13.38 -16.83
CA ILE D 20 13.18 -14.13 -16.03
C ILE D 20 12.41 -14.83 -14.91
N SER D 21 13.04 -15.87 -14.35
CA SER D 21 12.36 -16.76 -13.44
C SER D 21 13.13 -16.91 -12.15
N CYS D 22 12.39 -17.25 -11.10
CA CYS D 22 12.96 -17.45 -9.76
C CYS D 22 12.37 -18.73 -9.21
N LYS D 23 13.09 -19.83 -9.37
CA LYS D 23 12.61 -21.13 -8.92
C LYS D 23 12.89 -21.28 -7.44
N THR D 24 11.82 -21.49 -6.67
CA THR D 24 11.95 -21.67 -5.24
C THR D 24 11.75 -23.12 -4.87
N SER D 25 12.52 -23.58 -3.88
CA SER D 25 12.41 -24.93 -3.35
C SER D 25 12.80 -24.91 -1.88
N GLY D 26 12.44 -25.96 -1.15
CA GLY D 26 12.83 -26.09 0.26
C GLY D 26 11.93 -25.41 1.27
N TYR D 27 10.79 -24.88 0.81
CA TYR D 27 9.81 -24.30 1.73
C TYR D 27 8.41 -24.23 1.12
N ILE D 28 7.41 -24.06 1.98
CA ILE D 28 6.03 -23.91 1.52
C ILE D 28 5.89 -22.60 0.75
N PHE D 29 5.81 -22.70 -0.56
CA PHE D 29 5.72 -21.54 -1.44
C PHE D 29 4.51 -20.67 -1.08
N SER D 30 3.41 -21.33 -0.73
CA SER D 30 2.17 -20.66 -0.38
C SER D 30 2.27 -19.82 0.91
N ASP D 31 3.34 -20.03 1.68
CA ASP D 31 3.52 -19.35 2.96
C ASP D 31 4.42 -18.11 2.89
N TYR D 32 4.85 -17.73 1.67
CA TYR D 32 5.72 -16.57 1.50
C TYR D 32 5.35 -15.68 0.31
N TRP D 33 5.76 -14.42 0.36
CA TRP D 33 5.74 -13.56 -0.82
C TRP D 33 7.08 -13.73 -1.53
N THR D 34 7.15 -13.25 -2.76
CA THR D 34 8.43 -13.16 -3.45
C THR D 34 8.67 -11.70 -3.83
N ALA D 35 9.84 -11.18 -3.48
CA ALA D 35 10.20 -9.80 -3.77
C ALA D 35 11.17 -9.78 -4.92
N TRP D 36 11.10 -8.71 -5.72
CA TRP D 36 12.15 -8.45 -6.70
C TRP D 36 12.87 -7.17 -6.31
N VAL D 37 14.20 -7.25 -6.35
CA VAL D 37 15.09 -6.18 -5.93
C VAL D 37 16.09 -5.94 -7.06
N ARG D 38 16.22 -4.68 -7.50
CA ARG D 38 17.20 -4.32 -8.51
C ARG D 38 18.47 -3.70 -7.92
N GLN D 39 19.64 -4.21 -8.29
CA GLN D 39 20.90 -3.64 -7.83
C GLN D 39 21.25 -2.41 -8.65
N LEU D 40 21.59 -1.31 -8.00
CA LEU D 40 21.84 -0.07 -8.70
C LEU D 40 23.34 0.06 -9.02
N PRO D 41 23.69 0.89 -10.02
CA PRO D 41 25.11 1.10 -10.34
C PRO D 41 25.91 1.60 -9.14
N GLY D 42 27.01 0.92 -8.82
CA GLY D 42 27.94 1.34 -7.79
C GLY D 42 27.53 0.88 -6.39
N LYS D 43 26.36 1.30 -5.98
CA LYS D 43 25.85 1.00 -4.67
C LYS D 43 24.34 1.23 -4.70
N GLY D 44 23.60 0.41 -3.98
CA GLY D 44 22.17 0.64 -3.87
C GLY D 44 21.30 -0.53 -4.24
N LEU D 45 20.15 -0.61 -3.58
CA LEU D 45 19.18 -1.64 -3.86
C LEU D 45 17.80 -1.00 -3.98
N GLN D 46 17.08 -1.34 -5.03
CA GLN D 46 15.74 -0.83 -5.21
C GLN D 46 14.73 -1.94 -5.02
N TRP D 47 13.86 -1.79 -4.02
CA TRP D 47 12.75 -2.70 -3.83
C TRP D 47 11.74 -2.48 -4.95
N MET D 48 11.57 -3.46 -5.82
CA MET D 48 10.68 -3.28 -6.97
C MET D 48 9.24 -3.63 -6.63
N GLY D 49 9.06 -4.59 -5.74
CA GLY D 49 7.74 -4.95 -5.29
C GLY D 49 7.66 -6.41 -4.89
N ILE D 50 6.46 -6.87 -4.62
CA ILE D 50 6.26 -8.24 -4.16
C ILE D 50 5.03 -8.87 -4.80
N ILE D 51 5.04 -10.20 -4.87
CA ILE D 51 3.89 -10.93 -5.36
C ILE D 51 3.65 -12.16 -4.50
N TYR D 52 2.37 -12.46 -4.26
CA TYR D 52 1.99 -13.63 -3.49
C TYR D 52 1.33 -14.67 -4.40
N SER D 53 1.83 -15.90 -4.36
CA SER D 53 1.38 -16.96 -5.26
C SER D 53 -0.14 -17.20 -5.25
N GLY D 54 -0.72 -17.21 -4.06
CA GLY D 54 -2.11 -17.58 -3.87
C GLY D 54 -3.11 -16.78 -4.68
N ASP D 55 -3.48 -15.61 -4.17
CA ASP D 55 -4.45 -14.76 -4.83
C ASP D 55 -3.80 -13.86 -5.88
N SER D 56 -2.52 -14.11 -6.15
CA SER D 56 -1.74 -13.35 -7.13
C SER D 56 -1.73 -11.86 -6.82
N ASP D 57 -1.84 -11.52 -5.53
CA ASP D 57 -1.84 -10.14 -5.08
C ASP D 57 -0.43 -9.54 -5.21
N THR D 58 -0.37 -8.31 -5.72
CA THR D 58 0.90 -7.64 -5.97
C THR D 58 0.98 -6.27 -5.30
N ARG D 59 2.20 -5.85 -4.99
CA ARG D 59 2.47 -4.47 -4.59
C ARG D 59 3.68 -3.99 -5.37
N TYR D 60 3.54 -2.92 -6.14
CA TYR D 60 4.63 -2.44 -6.97
C TYR D 60 5.27 -1.19 -6.39
N HIS D 61 6.59 -1.07 -6.54
CA HIS D 61 7.23 0.20 -6.30
C HIS D 61 6.64 1.19 -7.28
N PRO D 62 6.20 2.35 -6.77
CA PRO D 62 5.59 3.45 -7.53
C PRO D 62 6.26 3.74 -8.89
N SER D 63 7.56 3.53 -8.97
CA SER D 63 8.31 3.92 -10.15
C SER D 63 8.57 2.77 -11.14
N VAL D 64 8.27 1.54 -10.76
CA VAL D 64 8.42 0.41 -11.68
C VAL D 64 7.06 -0.05 -12.20
N GLN D 65 6.00 0.38 -11.52
CA GLN D 65 4.64 -0.04 -11.86
C GLN D 65 4.27 0.39 -13.28
N GLY D 66 3.81 -0.55 -14.09
CA GLY D 66 3.42 -0.27 -15.45
C GLY D 66 4.49 -0.54 -16.49
N HIS D 67 5.70 -0.86 -16.05
CA HIS D 67 6.80 -1.11 -16.97
C HIS D 67 7.32 -2.55 -16.83
N VAL D 68 7.20 -3.10 -15.63
CA VAL D 68 7.53 -4.51 -15.39
C VAL D 68 6.31 -5.21 -14.84
N THR D 69 6.27 -6.53 -14.99
CA THR D 69 5.12 -7.31 -14.56
C THR D 69 5.59 -8.54 -13.78
N MET D 70 5.05 -8.72 -12.58
CA MET D 70 5.36 -9.91 -11.78
C MET D 70 4.26 -10.93 -11.90
N SER D 71 4.63 -12.19 -11.94
CA SER D 71 3.67 -13.28 -12.04
C SER D 71 4.25 -14.48 -11.31
N THR D 72 3.40 -15.45 -11.00
CA THR D 72 3.85 -16.67 -10.33
C THR D 72 3.26 -17.89 -11.00
N ASP D 73 3.97 -19.00 -10.90
CA ASP D 73 3.46 -20.30 -11.29
C ASP D 73 3.56 -21.19 -10.05
N SER D 74 2.45 -21.28 -9.31
CA SER D 74 2.45 -22.00 -8.03
C SER D 74 2.75 -23.48 -8.23
N SER D 75 2.36 -24.02 -9.38
CA SER D 75 2.63 -25.40 -9.74
C SER D 75 4.12 -25.71 -9.81
N LEU D 76 4.90 -24.77 -10.34
CA LEU D 76 6.34 -24.93 -10.42
C LEU D 76 7.03 -24.15 -9.31
N THR D 77 6.23 -23.68 -8.34
CA THR D 77 6.69 -22.82 -7.25
C THR D 77 7.76 -21.82 -7.72
N THR D 78 7.43 -21.10 -8.79
CA THR D 78 8.37 -20.20 -9.44
C THR D 78 7.71 -18.84 -9.62
N ALA D 79 8.47 -17.77 -9.34
CA ALA D 79 7.99 -16.42 -9.58
C ALA D 79 8.68 -15.85 -10.81
N TYR D 80 8.03 -14.88 -11.46
CA TYR D 80 8.59 -14.30 -12.69
C TYR D 80 8.59 -12.77 -12.66
N LEU D 81 9.52 -12.20 -13.42
CA LEU D 81 9.55 -10.77 -13.69
C LEU D 81 9.61 -10.61 -15.21
N GLN D 82 8.75 -9.76 -15.77
CA GLN D 82 8.61 -9.70 -17.21
C GLN D 82 8.58 -8.27 -17.75
N TRP D 83 9.33 -8.03 -18.83
CA TRP D 83 9.26 -6.77 -19.56
C TRP D 83 8.62 -7.01 -20.92
N SER D 84 7.67 -6.16 -21.30
CA SER D 84 7.02 -6.30 -22.61
C SER D 84 7.83 -5.62 -23.72
N SER D 85 8.61 -4.61 -23.34
CA SER D 85 9.39 -3.82 -24.28
C SER D 85 10.62 -3.24 -23.58
N LEU D 86 11.73 -3.95 -23.68
CA LEU D 86 12.94 -3.58 -22.97
C LEU D 86 13.58 -2.30 -23.48
N LYS D 87 14.15 -1.54 -22.56
CA LYS D 87 14.98 -0.38 -22.88
C LYS D 87 16.40 -0.65 -22.42
N ALA D 88 17.37 -0.02 -23.07
CA ALA D 88 18.78 -0.22 -22.72
C ALA D 88 19.04 0.13 -21.25
N SER D 89 18.29 1.10 -20.74
CA SER D 89 18.42 1.52 -19.34
C SER D 89 17.88 0.48 -18.35
N ASP D 90 17.24 -0.57 -18.84
CA ASP D 90 16.78 -1.67 -18.00
C ASP D 90 17.93 -2.61 -17.63
N THR D 91 19.11 -2.38 -18.20
CA THR D 91 20.26 -3.26 -17.93
C THR D 91 20.62 -3.26 -16.46
N GLY D 92 20.84 -4.45 -15.90
CA GLY D 92 21.33 -4.53 -14.54
C GLY D 92 21.05 -5.87 -13.87
N ILE D 93 21.37 -5.92 -12.58
CA ILE D 93 21.25 -7.17 -11.84
C ILE D 93 19.94 -7.14 -11.09
N TYR D 94 19.18 -8.22 -11.19
CA TYR D 94 17.88 -8.33 -10.57
C TYR D 94 17.89 -9.54 -9.63
N TYR D 95 17.52 -9.34 -8.37
CA TYR D 95 17.40 -10.44 -7.41
C TYR D 95 15.96 -10.76 -7.10
N CYS D 96 15.68 -12.01 -6.78
CA CYS D 96 14.45 -12.33 -6.11
C CYS D 96 14.78 -12.66 -4.66
N ALA D 97 13.79 -12.54 -3.79
CA ALA D 97 13.97 -12.86 -2.39
C ALA D 97 12.61 -13.23 -1.79
N ARG D 98 12.62 -13.97 -0.70
CA ARG D 98 11.38 -14.36 -0.06
C ARG D 98 11.15 -13.55 1.23
N LEU D 99 9.89 -13.26 1.52
CA LEU D 99 9.54 -12.61 2.77
C LEU D 99 8.31 -13.31 3.37
N ASP D 100 8.15 -13.22 4.68
CA ASP D 100 7.18 -14.09 5.39
C ASP D 100 5.77 -13.55 5.22
N ALA D 101 4.89 -14.39 4.69
CA ALA D 101 3.51 -14.02 4.43
C ALA D 101 2.62 -14.26 5.65
N ARG D 102 3.04 -15.17 6.53
CA ARG D 102 2.26 -15.45 7.75
C ARG D 102 2.20 -14.14 8.54
N VAL D 103 1.08 -13.92 9.22
CA VAL D 103 0.92 -12.64 9.93
C VAL D 103 1.26 -12.74 11.40
N ASP D 104 2.37 -12.07 11.73
CA ASP D 104 3.02 -11.99 13.03
C ASP D 104 4.45 -11.64 12.65
N ALA D 105 4.86 -12.21 11.52
CA ALA D 105 6.24 -12.09 11.04
C ALA D 105 6.44 -10.83 10.23
N GLY D 106 7.64 -10.25 10.37
CA GLY D 106 8.01 -9.07 9.61
C GLY D 106 8.21 -9.40 8.14
N TRP D 107 8.45 -8.38 7.34
CA TRP D 107 8.58 -8.55 5.91
C TRP D 107 10.03 -8.36 5.46
N GLN D 108 10.94 -8.65 6.37
CA GLN D 108 12.36 -8.71 6.04
C GLN D 108 12.60 -9.80 5.01
N LEU D 109 13.66 -9.66 4.22
CA LEU D 109 13.98 -10.64 3.18
C LEU D 109 15.08 -11.58 3.67
N ASP D 110 14.69 -12.78 4.11
CA ASP D 110 15.64 -13.67 4.79
C ASP D 110 16.34 -14.69 3.89
N SER D 111 15.97 -14.74 2.62
CA SER D 111 16.65 -15.65 1.69
C SER D 111 16.59 -15.04 0.28
N TRP D 112 17.73 -15.05 -0.42
CA TRP D 112 17.87 -14.30 -1.68
C TRP D 112 18.35 -15.18 -2.82
N GLY D 113 17.89 -14.89 -4.04
CA GLY D 113 18.38 -15.59 -5.22
C GLY D 113 19.78 -15.12 -5.51
N GLN D 114 20.43 -15.71 -6.51
CA GLN D 114 21.83 -15.40 -6.77
C GLN D 114 21.98 -14.15 -7.64
N GLY D 115 20.88 -13.70 -8.23
CA GLY D 115 20.90 -12.53 -9.10
C GLY D 115 21.05 -12.89 -10.57
N THR D 116 20.36 -12.14 -11.42
CA THR D 116 20.38 -12.30 -12.87
C THR D 116 20.85 -11.01 -13.54
N LEU D 117 21.91 -11.10 -14.35
CA LEU D 117 22.32 -9.92 -15.10
C LEU D 117 21.60 -9.86 -16.44
N VAL D 118 20.71 -8.88 -16.56
CA VAL D 118 20.00 -8.64 -17.79
C VAL D 118 20.71 -7.51 -18.52
N THR D 119 21.17 -7.75 -19.75
CA THR D 119 21.73 -6.69 -20.58
C THR D 119 20.81 -6.40 -21.74
N VAL D 120 20.51 -5.13 -21.95
CA VAL D 120 19.70 -4.67 -23.06
C VAL D 120 20.56 -3.75 -23.90
N SER D 121 20.86 -4.18 -25.12
CA SER D 121 21.78 -3.43 -25.99
C SER D 121 21.56 -3.72 -27.47
N SER D 122 21.82 -2.75 -28.32
CA SER D 122 21.76 -2.98 -29.77
C SER D 122 23.07 -3.55 -30.30
N ALA D 123 24.10 -3.63 -29.45
CA ALA D 123 25.38 -4.19 -29.88
C ALA D 123 25.33 -5.72 -29.99
N SER D 124 26.19 -6.30 -30.82
CA SER D 124 26.17 -7.73 -31.08
C SER D 124 26.88 -8.52 -29.98
N THR D 125 26.31 -9.67 -29.65
CA THR D 125 26.94 -10.57 -28.69
C THR D 125 28.21 -11.17 -29.28
N LYS D 126 29.27 -11.28 -28.48
CA LYS D 126 30.53 -11.87 -28.93
C LYS D 126 31.22 -12.68 -27.86
N GLY D 127 31.59 -13.92 -28.17
CA GLY D 127 32.30 -14.76 -27.20
C GLY D 127 33.76 -14.37 -27.10
N PRO D 128 34.39 -14.59 -25.93
CA PRO D 128 35.78 -14.16 -25.69
C PRO D 128 36.83 -15.00 -26.41
N SER D 129 37.97 -14.41 -26.70
CA SER D 129 39.17 -15.19 -26.98
C SER D 129 39.94 -15.42 -25.67
N VAL D 130 40.40 -16.64 -25.42
CA VAL D 130 41.08 -16.90 -24.17
C VAL D 130 42.56 -17.24 -24.40
N PHE D 131 43.44 -16.49 -23.74
CA PHE D 131 44.89 -16.65 -23.92
C PHE D 131 45.57 -16.93 -22.60
N PRO D 132 46.56 -17.83 -22.58
CA PRO D 132 47.27 -18.12 -21.34
C PRO D 132 48.20 -17.00 -20.91
N LEU D 133 48.29 -16.82 -19.59
CA LEU D 133 49.33 -16.00 -18.97
C LEU D 133 50.29 -16.98 -18.29
N ALA D 134 51.32 -17.40 -19.01
CA ALA D 134 52.10 -18.57 -18.59
C ALA D 134 53.13 -18.19 -17.53
N PRO D 135 53.28 -19.04 -16.48
CA PRO D 135 54.31 -18.75 -15.49
C PRO D 135 55.70 -18.88 -16.12
N SER D 136 56.60 -18.00 -15.69
CA SER D 136 57.95 -17.96 -16.23
C SER D 136 58.84 -17.34 -15.17
N SER D 137 60.11 -17.11 -15.49
CA SER D 137 61.01 -16.47 -14.54
C SER D 137 60.62 -15.01 -14.28
N LYS D 138 59.78 -14.44 -15.13
CA LYS D 138 59.35 -13.05 -14.98
C LYS D 138 58.07 -12.93 -14.14
N SER D 139 57.47 -14.07 -13.82
CA SER D 139 56.29 -14.07 -12.95
C SER D 139 56.52 -15.03 -11.78
N THR D 140 57.79 -15.22 -11.44
CA THR D 140 58.20 -16.16 -10.40
C THR D 140 59.20 -15.53 -9.46
N SER D 141 58.85 -15.44 -8.18
CA SER D 141 59.78 -14.91 -7.18
C SER D 141 59.43 -15.37 -5.77
N GLY D 142 60.45 -15.56 -4.94
CA GLY D 142 60.25 -15.86 -3.53
C GLY D 142 59.54 -17.18 -3.29
N GLY D 143 59.59 -18.08 -4.28
CA GLY D 143 58.98 -19.39 -4.16
C GLY D 143 57.58 -19.42 -4.73
N THR D 144 57.08 -18.26 -5.16
CA THR D 144 55.74 -18.12 -5.71
C THR D 144 55.76 -17.96 -7.23
N ALA D 145 54.83 -18.59 -7.91
CA ALA D 145 54.64 -18.35 -9.34
C ALA D 145 53.23 -17.83 -9.59
N ALA D 146 53.13 -16.78 -10.42
CA ALA D 146 51.85 -16.27 -10.89
C ALA D 146 51.56 -16.79 -12.30
N LEU D 147 50.30 -17.09 -12.56
CA LEU D 147 49.89 -17.55 -13.88
C LEU D 147 48.43 -17.19 -14.02
N GLY D 148 47.88 -17.32 -15.22
CA GLY D 148 46.54 -16.81 -15.42
C GLY D 148 46.00 -16.99 -16.82
N CYS D 149 44.86 -16.36 -17.09
CA CYS D 149 44.21 -16.41 -18.38
C CYS D 149 43.74 -15.00 -18.71
N LEU D 150 44.02 -14.57 -19.92
CA LEU D 150 43.48 -13.32 -20.47
C LEU D 150 42.21 -13.61 -21.26
N VAL D 151 41.10 -13.02 -20.85
CA VAL D 151 39.80 -13.27 -21.48
C VAL D 151 39.40 -12.01 -22.24
N LYS D 152 39.64 -12.02 -23.54
CA LYS D 152 39.62 -10.78 -24.33
C LYS D 152 38.48 -10.69 -25.34
N ASP D 153 37.96 -9.47 -25.52
CA ASP D 153 37.03 -9.13 -26.62
C ASP D 153 35.70 -9.86 -26.58
N TYR D 154 34.97 -9.75 -25.47
CA TYR D 154 33.63 -10.32 -25.39
C TYR D 154 32.56 -9.26 -25.12
N PHE D 155 31.31 -9.64 -25.36
CA PHE D 155 30.15 -8.79 -25.07
C PHE D 155 28.90 -9.67 -25.03
N PRO D 156 28.00 -9.45 -24.06
CA PRO D 156 28.07 -8.50 -22.94
C PRO D 156 28.70 -9.15 -21.75
N GLU D 157 28.63 -8.51 -20.59
CA GLU D 157 28.96 -9.19 -19.33
C GLU D 157 27.82 -10.15 -19.01
N PRO D 158 28.07 -11.17 -18.17
CA PRO D 158 29.31 -11.50 -17.49
C PRO D 158 30.02 -12.67 -18.14
N VAL D 159 31.31 -12.70 -17.88
CA VAL D 159 32.13 -13.88 -18.10
C VAL D 159 32.34 -14.50 -16.71
N THR D 160 32.25 -15.83 -16.61
CA THR D 160 32.54 -16.57 -15.38
C THR D 160 33.90 -17.25 -15.52
N VAL D 161 34.75 -17.20 -14.50
CA VAL D 161 35.99 -17.97 -14.58
C VAL D 161 36.19 -18.84 -13.35
N SER D 162 36.52 -20.09 -13.56
CA SER D 162 36.93 -20.93 -12.45
C SER D 162 38.25 -21.57 -12.84
N TRP D 163 38.90 -22.21 -11.87
CA TRP D 163 40.16 -22.86 -12.12
C TRP D 163 40.05 -24.32 -11.70
N ASN D 164 40.54 -25.24 -12.53
CA ASN D 164 40.49 -26.67 -12.26
C ASN D 164 39.11 -27.11 -11.81
N SER D 165 38.12 -26.68 -12.59
CA SER D 165 36.70 -26.96 -12.40
C SER D 165 36.21 -26.62 -11.00
N GLY D 166 36.81 -25.59 -10.41
CA GLY D 166 36.34 -25.06 -9.13
C GLY D 166 37.12 -25.62 -7.96
N ALA D 167 38.06 -26.52 -8.23
CA ALA D 167 38.88 -27.11 -7.15
C ALA D 167 40.01 -26.20 -6.72
N LEU D 168 40.30 -25.20 -7.54
CA LEU D 168 41.37 -24.23 -7.21
C LEU D 168 40.76 -22.87 -6.99
N THR D 169 40.71 -22.42 -5.73
CA THR D 169 40.12 -21.13 -5.41
C THR D 169 41.05 -20.22 -4.60
N SER D 170 41.88 -20.77 -3.71
CA SER D 170 42.77 -19.90 -2.95
C SER D 170 43.76 -19.18 -3.88
N GLY D 171 43.99 -17.90 -3.60
CA GLY D 171 44.97 -17.13 -4.35
C GLY D 171 44.52 -16.67 -5.74
N VAL D 172 43.27 -16.93 -6.11
CA VAL D 172 42.75 -16.50 -7.40
C VAL D 172 42.25 -15.05 -7.31
N HIS D 173 42.60 -14.25 -8.31
CA HIS D 173 42.02 -12.91 -8.47
C HIS D 173 41.45 -12.83 -9.88
N THR D 174 40.14 -12.76 -9.99
CA THR D 174 39.54 -12.54 -11.30
C THR D 174 39.13 -11.09 -11.31
N PHE D 175 39.80 -10.29 -12.15
CA PHE D 175 39.66 -8.83 -12.10
C PHE D 175 38.38 -8.33 -12.75
N PRO D 176 37.85 -7.20 -12.25
CA PRO D 176 36.75 -6.52 -12.98
C PRO D 176 37.12 -6.27 -14.42
N ALA D 177 36.17 -6.49 -15.32
CA ALA D 177 36.39 -6.23 -16.72
C ALA D 177 36.63 -4.75 -17.00
N VAL D 178 37.43 -4.49 -18.04
CA VAL D 178 37.61 -3.14 -18.58
C VAL D 178 36.84 -3.04 -19.89
N LEU D 179 36.32 -1.86 -20.17
CA LEU D 179 35.68 -1.57 -21.45
C LEU D 179 36.73 -1.08 -22.44
N GLN D 180 36.97 -1.85 -23.50
CA GLN D 180 37.93 -1.43 -24.52
C GLN D 180 37.32 -0.39 -25.45
N SER D 181 38.18 0.32 -26.18
CA SER D 181 37.74 1.33 -27.14
C SER D 181 36.76 0.74 -28.16
N SER D 182 36.99 -0.52 -28.49
CA SER D 182 36.15 -1.24 -29.45
C SER D 182 34.71 -1.46 -28.97
N GLY D 183 34.40 -1.14 -27.72
CA GLY D 183 33.09 -1.44 -27.18
C GLY D 183 33.05 -2.84 -26.56
N LEU D 184 34.14 -3.58 -26.67
CA LEU D 184 34.23 -4.94 -26.10
C LEU D 184 34.91 -4.97 -24.74
N TYR D 185 34.57 -5.99 -23.94
CA TYR D 185 35.17 -6.18 -22.63
C TYR D 185 36.41 -7.07 -22.68
N SER D 186 37.27 -6.88 -21.68
CA SER D 186 38.41 -7.75 -21.50
C SER D 186 38.67 -7.92 -20.00
N LEU D 187 39.02 -9.11 -19.57
CA LEU D 187 39.43 -9.24 -18.18
C LEU D 187 40.57 -10.22 -18.05
N SER D 188 41.19 -10.24 -16.88
CA SER D 188 42.13 -11.31 -16.62
C SER D 188 41.81 -12.02 -15.31
N SER D 189 42.22 -13.28 -15.20
CA SER D 189 42.12 -14.04 -13.96
C SER D 189 43.48 -14.63 -13.70
N VAL D 190 44.00 -14.44 -12.49
CA VAL D 190 45.34 -14.93 -12.18
C VAL D 190 45.28 -15.74 -10.89
N VAL D 191 46.30 -16.56 -10.64
CA VAL D 191 46.44 -17.29 -9.39
C VAL D 191 47.92 -17.37 -9.05
N THR D 192 48.24 -17.39 -7.77
CA THR D 192 49.62 -17.62 -7.38
C THR D 192 49.70 -19.01 -6.75
N VAL D 193 50.78 -19.73 -7.06
CA VAL D 193 50.93 -21.14 -6.65
C VAL D 193 52.41 -21.34 -6.29
N PRO D 194 52.76 -22.49 -5.66
CA PRO D 194 54.19 -22.69 -5.40
C PRO D 194 54.95 -22.82 -6.72
N SER D 195 56.09 -22.16 -6.87
CA SER D 195 56.89 -22.38 -8.08
C SER D 195 57.47 -23.80 -8.12
N SER D 196 57.64 -24.42 -6.95
CA SER D 196 58.19 -25.78 -6.88
C SER D 196 57.37 -26.87 -7.54
N SER D 197 56.06 -26.68 -7.64
CA SER D 197 55.21 -27.77 -8.12
C SER D 197 54.63 -27.52 -9.52
N LEU D 198 55.25 -26.59 -10.26
CA LEU D 198 54.81 -26.31 -11.63
C LEU D 198 55.02 -27.50 -12.56
N GLY D 199 55.91 -28.39 -12.19
CA GLY D 199 56.18 -29.57 -13.00
C GLY D 199 55.22 -30.73 -12.77
N THR D 200 54.45 -30.68 -11.68
CA THR D 200 53.57 -31.78 -11.29
C THR D 200 52.11 -31.38 -11.25
N GLN D 201 51.82 -30.09 -11.08
CA GLN D 201 50.43 -29.64 -11.01
C GLN D 201 49.96 -29.17 -12.40
N THR D 202 48.66 -29.27 -12.61
CA THR D 202 48.05 -28.84 -13.87
C THR D 202 47.06 -27.71 -13.57
N TYR D 203 47.11 -26.64 -14.37
CA TYR D 203 46.28 -25.45 -14.15
C TYR D 203 45.47 -25.18 -15.38
N ILE D 204 44.15 -25.25 -15.23
CA ILE D 204 43.24 -25.01 -16.34
C ILE D 204 42.23 -23.96 -15.95
N CYS D 205 42.09 -22.91 -16.77
CA CYS D 205 41.06 -21.93 -16.48
C CYS D 205 39.84 -22.29 -17.31
N ASN D 206 38.69 -22.34 -16.63
CA ASN D 206 37.42 -22.67 -17.26
C ASN D 206 36.63 -21.38 -17.47
N VAL D 207 36.40 -21.04 -18.73
CA VAL D 207 35.78 -19.77 -19.04
C VAL D 207 34.41 -20.02 -19.63
N ASN D 208 33.42 -19.35 -19.06
CA ASN D 208 32.03 -19.50 -19.46
C ASN D 208 31.43 -18.14 -19.80
N HIS D 209 30.92 -18.00 -21.02
CA HIS D 209 30.23 -16.77 -21.40
C HIS D 209 28.84 -17.19 -21.90
N LYS D 210 27.88 -17.26 -20.99
CA LYS D 210 26.56 -17.81 -21.32
C LYS D 210 25.81 -17.06 -22.44
N PRO D 211 25.92 -15.74 -22.49
CA PRO D 211 25.21 -15.06 -23.59
C PRO D 211 25.63 -15.50 -24.99
N SER D 212 26.87 -15.92 -25.18
CA SER D 212 27.31 -16.44 -26.48
C SER D 212 27.32 -17.98 -26.51
N ASN D 213 26.90 -18.60 -25.39
CA ASN D 213 26.93 -20.05 -25.26
C ASN D 213 28.34 -20.60 -25.56
N THR D 214 29.33 -19.88 -25.03
CA THR D 214 30.75 -20.17 -25.15
C THR D 214 31.31 -20.79 -23.87
N LYS D 215 32.05 -21.88 -24.01
CA LYS D 215 32.76 -22.50 -22.88
C LYS D 215 34.17 -22.83 -23.32
N VAL D 216 35.17 -22.29 -22.63
CA VAL D 216 36.55 -22.57 -22.99
C VAL D 216 37.34 -23.04 -21.78
N ASP D 217 38.07 -24.14 -21.96
CA ASP D 217 39.02 -24.62 -20.94
C ASP D 217 40.42 -24.46 -21.49
N LYS D 218 41.24 -23.62 -20.85
CA LYS D 218 42.55 -23.36 -21.38
C LYS D 218 43.63 -23.86 -20.41
N ARG D 219 44.45 -24.79 -20.86
CA ARG D 219 45.52 -25.30 -20.03
C ARG D 219 46.61 -24.25 -19.98
N VAL D 220 47.12 -23.95 -18.78
CA VAL D 220 48.11 -22.89 -18.67
C VAL D 220 49.41 -23.55 -18.24
N GLU D 221 50.37 -23.63 -19.15
CA GLU D 221 51.61 -24.36 -18.91
C GLU D 221 52.78 -23.41 -18.79
N PRO D 222 53.80 -23.79 -18.01
CA PRO D 222 54.99 -22.94 -17.91
C PRO D 222 55.64 -22.71 -19.28
N LYS D 223 56.17 -21.51 -19.50
CA LYS D 223 56.91 -21.20 -20.73
C LYS D 223 58.18 -22.04 -20.82
N SER D 224 58.66 -22.35 -22.03
CA SER D 224 59.88 -23.18 -22.11
C SER D 224 60.89 -22.95 -23.26
N CYS D 225 60.74 -21.90 -24.06
CA CYS D 225 61.71 -21.57 -25.13
C CYS D 225 61.89 -22.60 -26.25
N HIS D 226 61.61 -22.18 -27.48
CA HIS D 226 61.80 -23.03 -28.66
C HIS D 226 62.75 -22.37 -29.64
C1 GOL E . -43.09 9.67 14.83
O1 GOL E . -41.84 10.30 14.61
C2 GOL E . -44.12 10.72 15.26
O2 GOL E . -45.43 10.26 14.92
C3 GOL E . -43.96 10.88 16.78
O3 GOL E . -44.48 12.11 17.25
C1 GOL F . -28.01 31.22 1.95
O1 GOL F . -27.29 30.73 0.85
C2 GOL F . -27.48 32.59 2.36
O2 GOL F . -28.57 33.48 2.49
C3 GOL F . -26.77 32.53 3.70
O3 GOL F . -27.66 32.97 4.69
C1 GOL G . 42.15 -7.11 -16.31
O1 GOL G . 40.75 -7.01 -16.06
C2 GOL G . 42.56 -6.29 -17.53
O2 GOL G . 43.77 -5.60 -17.24
C3 GOL G . 42.76 -7.26 -18.71
O3 GOL G . 42.85 -6.56 -19.95
#